data_1E1H
#
_entry.id   1E1H
#
_cell.length_a   58.064
_cell.length_b   94.263
_cell.length_c   100.156
_cell.angle_alpha   90.00
_cell.angle_beta   103.52
_cell.angle_gamma   90.00
#
_symmetry.space_group_name_H-M   'P 1 21 1'
#
loop_
_entity.id
_entity.type
_entity.pdbx_description
1 polymer 'BOTULINUM NEUROTOXIN TYPE A LIGHT CHAIN'
2 polymer 'BOTULINUM NEUROTOXIN TYPE A LIGHT CHAIN'
3 non-polymer 'ZINC ION'
4 water water
#
loop_
_entity_poly.entity_id
_entity_poly.type
_entity_poly.pdbx_seq_one_letter_code
_entity_poly.pdbx_strand_id
1 'polypeptide(L)'
;MHHHHHHSSGLVPRGSGMKETAAAKFERQHMDSPDLGTDDDDKAMAYKDPVNGVDIAYIKIPNAGQMQPVKAFKIHNKIW
VIPERDTFTNPEEGDLNPPPEAKQVPVSYYDSTYLSTDNEKDNYLKGVTKLFERIYSTDLGRMLLTSIVRGIPFWGGSTI
DTELKVIDTNCINVIQPDGSYRSEELNLVIIGPSADIIQFECKSFGHDVLNLTRNGYGSTQYIRFSPDFTFGFEESLEVD
TNPLLGAGKFATDPAVTLAHELIHAEHRLYGIAINPNRVFKVNTNAY
;
A,C
2 'polypeptide(L)'
;YEMSGLEVSFEELRTFGGHDAKFIDSLQENEFRLYYYNKFKDVASTLNKAKSIIGTTASLQYMKNVFKEKYLLSEDTSGK
FSVDKLKFDKLYKMLTEIYTEDNFVNFFKVINRKTYLNFDKAVFRINIVPDENYTIKDGFNLKGANLSTNFNGQNTEINS
RNFTRLLEHHHHHH
;
B,D
#
# COMPACT_ATOMS: atom_id res chain seq x y z
N MET A 45 18.93 36.14 9.06
CA MET A 45 17.88 37.01 9.53
C MET A 45 17.27 36.51 10.85
N ALA A 46 16.87 37.47 11.67
CA ALA A 46 16.11 37.19 12.88
C ALA A 46 14.72 37.80 12.71
N TYR A 47 13.71 37.25 13.37
CA TYR A 47 12.37 37.75 13.25
C TYR A 47 12.25 39.24 13.60
N LYS A 48 13.01 39.68 14.60
CA LYS A 48 12.95 41.08 15.04
C LYS A 48 13.75 42.03 14.21
N ASP A 49 14.38 41.60 13.13
CA ASP A 49 15.17 42.53 12.29
C ASP A 49 14.24 43.56 11.65
N PRO A 50 14.65 44.82 11.63
CA PRO A 50 13.83 45.89 11.11
C PRO A 50 13.53 45.77 9.64
N VAL A 51 12.36 46.24 9.22
CA VAL A 51 11.95 46.17 7.83
C VAL A 51 12.80 47.10 6.97
N ASN A 52 12.92 46.77 5.70
CA ASN A 52 13.64 47.60 4.73
C ASN A 52 12.89 47.70 3.43
N GLY A 53 11.79 46.93 3.28
CA GLY A 53 10.97 46.99 2.09
C GLY A 53 11.56 46.20 0.93
N VAL A 54 12.69 45.57 1.13
CA VAL A 54 13.42 44.84 0.11
C VAL A 54 13.48 43.34 0.44
N ASP A 55 14.13 42.98 1.54
CA ASP A 55 14.14 41.56 1.93
C ASP A 55 13.49 41.31 3.26
N ILE A 56 13.18 42.36 4.01
CA ILE A 56 12.38 42.21 5.23
C ILE A 56 11.24 43.22 5.15
N ALA A 57 10.00 42.79 5.25
CA ALA A 57 8.89 43.75 5.08
C ALA A 57 7.58 43.15 5.54
N TYR A 58 6.61 44.01 5.85
CA TYR A 58 5.23 43.61 6.01
C TYR A 58 4.58 43.56 4.63
N ILE A 59 3.88 42.45 4.38
CA ILE A 59 3.30 42.23 3.06
C ILE A 59 1.82 41.87 3.15
N LYS A 60 1.13 42.03 2.05
CA LYS A 60 -0.23 41.54 1.90
C LYS A 60 -0.28 40.64 0.66
N ILE A 61 -1.10 39.61 0.76
CA ILE A 61 -1.30 38.70 -0.37
C ILE A 61 -2.50 39.13 -1.20
N PRO A 62 -2.28 39.35 -2.48
CA PRO A 62 -3.33 39.63 -3.44
C PRO A 62 -4.44 38.57 -3.39
N ASN A 63 -5.67 39.05 -3.26
CA ASN A 63 -6.87 38.27 -3.16
C ASN A 63 -7.13 37.77 -1.76
N ALA A 64 -6.22 38.04 -0.82
CA ALA A 64 -6.41 37.68 0.58
C ALA A 64 -7.14 38.89 1.24
N GLY A 65 -8.36 39.09 0.80
CA GLY A 65 -9.22 40.17 1.08
C GLY A 65 -8.76 41.21 2.06
N GLN A 66 -9.36 41.22 3.24
CA GLN A 66 -9.08 42.23 4.25
C GLN A 66 -8.05 41.82 5.26
N MET A 67 -6.90 41.28 4.81
CA MET A 67 -5.88 40.84 5.72
C MET A 67 -5.05 41.98 6.30
N GLN A 68 -4.69 41.83 7.58
CA GLN A 68 -3.70 42.73 8.17
C GLN A 68 -2.33 42.29 7.60
N PRO A 69 -1.49 43.24 7.27
CA PRO A 69 -0.13 42.94 6.79
C PRO A 69 0.59 42.01 7.76
N VAL A 70 1.40 41.08 7.17
CA VAL A 70 2.17 40.15 8.00
C VAL A 70 3.65 40.28 7.67
N LYS A 71 4.52 40.09 8.63
CA LYS A 71 5.95 40.24 8.45
C LYS A 71 6.56 39.07 7.66
N ALA A 72 7.34 39.40 6.64
CA ALA A 72 7.85 38.35 5.75
C ALA A 72 9.31 38.64 5.40
N PHE A 73 10.03 37.54 5.10
CA PHE A 73 11.47 37.59 4.94
C PHE A 73 11.83 36.97 3.60
N LYS A 74 12.53 37.72 2.77
CA LYS A 74 12.97 37.16 1.48
C LYS A 74 14.32 36.48 1.66
N ILE A 75 14.31 35.15 1.81
CA ILE A 75 15.53 34.45 2.25
C ILE A 75 16.49 34.20 1.11
N HIS A 76 15.96 34.35 -0.09
CA HIS A 76 16.67 34.25 -1.33
C HIS A 76 15.83 34.87 -2.47
N ASN A 77 16.48 35.17 -3.57
CA ASN A 77 15.75 35.69 -4.75
C ASN A 77 14.51 34.82 -5.02
N LYS A 78 13.35 35.43 -5.18
CA LYS A 78 12.09 34.85 -5.51
C LYS A 78 11.46 33.99 -4.44
N ILE A 79 12.09 33.89 -3.28
CA ILE A 79 11.57 32.98 -2.23
C ILE A 79 11.46 33.70 -0.88
N TRP A 80 10.23 33.69 -0.34
CA TRP A 80 9.93 34.39 0.89
C TRP A 80 9.42 33.42 1.97
N VAL A 81 9.64 33.78 3.21
CA VAL A 81 9.16 33.04 4.37
C VAL A 81 8.23 33.89 5.21
N ILE A 82 7.06 33.40 5.52
CA ILE A 82 6.08 34.12 6.33
C ILE A 82 5.76 33.28 7.59
N PRO A 83 6.29 33.67 8.71
CA PRO A 83 6.17 32.89 9.96
C PRO A 83 4.81 33.07 10.61
N GLU A 84 3.74 32.81 9.91
CA GLU A 84 2.39 32.93 10.39
C GLU A 84 1.61 31.65 10.04
N ARG A 85 0.57 31.38 10.84
CA ARG A 85 -0.33 30.25 10.43
C ARG A 85 -1.07 30.69 9.18
N ASP A 86 -1.29 29.78 8.22
CA ASP A 86 -1.95 30.13 7.00
C ASP A 86 -3.46 30.23 7.09
N THR A 87 -3.94 31.42 7.43
CA THR A 87 -5.37 31.75 7.41
C THR A 87 -5.69 32.60 6.20
N PHE A 88 -4.77 32.70 5.25
CA PHE A 88 -4.89 33.54 4.10
C PHE A 88 -5.13 32.90 2.77
N THR A 89 -4.46 31.78 2.43
CA THR A 89 -4.50 31.32 1.04
C THR A 89 -5.66 30.42 0.72
N ASN A 90 -6.45 30.00 1.70
CA ASN A 90 -7.66 29.24 1.44
C ASN A 90 -8.86 30.00 2.02
N PRO A 91 -9.63 30.62 1.15
CA PRO A 91 -10.80 31.39 1.56
C PRO A 91 -11.73 30.62 2.46
N GLU A 92 -11.77 29.29 2.36
CA GLU A 92 -12.54 28.43 3.22
C GLU A 92 -11.81 28.05 4.50
N GLU A 93 -10.60 28.56 4.70
CA GLU A 93 -9.84 28.25 5.93
C GLU A 93 -9.34 29.53 6.60
N GLY A 94 -10.25 30.28 7.22
CA GLY A 94 -9.91 31.58 7.77
C GLY A 94 -9.61 31.57 9.25
N ASP A 95 -9.61 30.41 9.88
CA ASP A 95 -9.32 30.31 11.32
C ASP A 95 -8.62 28.99 11.62
N LEU A 96 -8.28 28.77 12.88
CA LEU A 96 -7.43 27.68 13.30
C LEU A 96 -8.14 26.62 14.13
N ASN A 97 -9.47 26.63 14.04
CA ASN A 97 -10.26 25.68 14.83
C ASN A 97 -10.36 24.35 14.05
N PRO A 98 -10.45 23.26 14.78
CA PRO A 98 -10.64 21.94 14.17
C PRO A 98 -11.92 21.98 13.35
N PRO A 99 -11.99 21.20 12.28
CA PRO A 99 -13.14 21.19 11.39
C PRO A 99 -14.36 20.59 12.07
N PRO A 100 -15.53 20.99 11.60
CA PRO A 100 -16.80 20.46 12.12
C PRO A 100 -16.76 18.93 12.05
N GLU A 101 -16.44 18.41 10.85
CA GLU A 101 -16.24 16.98 10.74
C GLU A 101 -14.76 16.62 10.60
N ALA A 102 -14.34 15.72 11.48
CA ALA A 102 -12.97 15.29 11.61
C ALA A 102 -12.36 14.83 10.30
N LYS A 103 -11.09 15.22 10.08
CA LYS A 103 -10.44 14.82 8.82
C LYS A 103 -10.14 13.33 8.85
N GLN A 104 -10.47 12.65 7.75
CA GLN A 104 -10.26 11.21 7.65
C GLN A 104 -8.83 10.85 7.27
N VAL A 105 -7.91 11.02 8.22
CA VAL A 105 -6.50 10.67 8.00
C VAL A 105 -5.98 9.92 9.22
N PRO A 106 -4.81 9.33 9.12
CA PRO A 106 -4.22 8.61 10.23
C PRO A 106 -4.02 9.47 11.44
N VAL A 107 -3.60 10.73 11.27
CA VAL A 107 -3.35 11.59 12.43
C VAL A 107 -3.43 13.07 12.05
N SER A 108 -3.96 13.85 12.97
CA SER A 108 -4.00 15.32 12.80
C SER A 108 -3.73 15.94 14.17
N TYR A 109 -3.40 17.22 14.23
CA TYR A 109 -3.08 17.85 15.50
C TYR A 109 -3.40 19.34 15.49
N TYR A 110 -4.23 19.74 16.45
CA TYR A 110 -4.68 21.11 16.55
C TYR A 110 -4.21 21.82 17.80
N ASP A 111 -3.84 23.08 17.62
CA ASP A 111 -3.36 23.95 18.69
C ASP A 111 -3.33 25.38 18.12
N SER A 112 -4.43 26.10 18.33
CA SER A 112 -4.55 27.43 17.80
C SER A 112 -3.52 28.42 18.33
N THR A 113 -2.69 28.07 19.30
CA THR A 113 -1.68 28.96 19.80
C THR A 113 -0.32 28.78 19.15
N TYR A 114 -0.11 27.68 18.44
CA TYR A 114 1.20 27.43 17.83
C TYR A 114 1.50 28.54 16.81
N LEU A 115 2.70 29.04 16.81
CA LEU A 115 3.15 30.09 15.90
C LEU A 115 2.42 31.39 16.13
N SER A 116 2.24 31.78 17.40
CA SER A 116 1.60 33.04 17.73
C SER A 116 2.51 34.04 18.38
N THR A 117 3.68 33.65 18.88
CA THR A 117 4.57 34.62 19.54
C THR A 117 5.79 34.91 18.70
N ASP A 118 6.49 36.02 19.00
CA ASP A 118 7.71 36.37 18.31
C ASP A 118 8.78 35.29 18.43
N ASN A 119 8.92 34.69 19.63
CA ASN A 119 9.96 33.71 19.85
C ASN A 119 9.72 32.49 18.92
N GLU A 120 8.48 32.08 18.84
CA GLU A 120 8.14 30.92 17.96
C GLU A 120 8.40 31.29 16.49
N LYS A 121 8.00 32.47 16.12
CA LYS A 121 8.22 32.95 14.74
C LYS A 121 9.68 33.08 14.41
N ASP A 122 10.52 33.50 15.35
CA ASP A 122 11.97 33.52 15.14
C ASP A 122 12.51 32.12 14.91
N ASN A 123 12.09 31.18 15.76
CA ASN A 123 12.51 29.80 15.67
C ASN A 123 12.01 29.17 14.35
N TYR A 124 10.85 29.56 13.91
CA TYR A 124 10.28 29.00 12.65
C TYR A 124 11.08 29.49 11.47
N LEU A 125 11.44 30.78 11.53
CA LEU A 125 12.23 31.38 10.44
C LEU A 125 13.61 30.77 10.40
N LYS A 126 14.22 30.60 11.58
CA LYS A 126 15.56 30.03 11.65
C LYS A 126 15.55 28.55 11.25
N GLY A 127 14.53 27.85 11.65
CA GLY A 127 14.43 26.41 11.26
C GLY A 127 14.23 26.27 9.76
N VAL A 128 13.32 27.04 9.17
CA VAL A 128 13.13 26.97 7.72
C VAL A 128 14.39 27.33 6.97
N THR A 129 15.08 28.39 7.37
CA THR A 129 16.33 28.80 6.70
C THR A 129 17.40 27.74 6.80
N LYS A 130 17.53 27.09 7.96
CA LYS A 130 18.46 26.01 8.16
C LYS A 130 18.15 24.81 7.23
N LEU A 131 16.87 24.49 7.07
CA LEU A 131 16.51 23.41 6.10
C LEU A 131 16.85 23.77 4.69
N PHE A 132 16.62 25.06 4.30
CA PHE A 132 17.05 25.49 2.97
C PHE A 132 18.56 25.31 2.80
N GLU A 133 19.36 25.73 3.79
CA GLU A 133 20.81 25.59 3.69
C GLU A 133 21.25 24.12 3.55
N ARG A 134 20.59 23.24 4.29
CA ARG A 134 20.85 21.82 4.23
C ARG A 134 20.55 21.27 2.83
N ILE A 135 19.44 21.70 2.23
CA ILE A 135 19.12 21.27 0.85
C ILE A 135 20.14 21.81 -0.11
N TYR A 136 20.49 23.09 0.04
CA TYR A 136 21.45 23.76 -0.81
C TYR A 136 22.86 23.17 -0.68
N SER A 137 23.19 22.56 0.44
CA SER A 137 24.48 21.93 0.65
C SER A 137 24.68 20.67 -0.17
N THR A 138 23.64 20.16 -0.82
CA THR A 138 23.78 18.99 -1.71
C THR A 138 23.77 19.45 -3.16
N ASP A 139 24.48 18.71 -4.04
CA ASP A 139 24.44 19.05 -5.46
C ASP A 139 23.00 19.05 -5.96
N LEU A 140 22.23 18.02 -5.57
CA LEU A 140 20.85 17.89 -6.04
C LEU A 140 20.00 19.08 -5.55
N GLY A 141 20.19 19.48 -4.30
CA GLY A 141 19.40 20.59 -3.73
C GLY A 141 19.76 21.91 -4.35
N ARG A 142 21.05 22.09 -4.67
CA ARG A 142 21.47 23.36 -5.34
C ARG A 142 20.84 23.43 -6.72
N MET A 143 20.79 22.27 -7.41
CA MET A 143 20.14 22.21 -8.71
C MET A 143 18.64 22.53 -8.58
N LEU A 144 17.96 21.89 -7.68
CA LEU A 144 16.52 22.11 -7.48
C LEU A 144 16.20 23.55 -7.10
N LEU A 145 17.00 24.14 -6.23
CA LEU A 145 16.74 25.55 -5.84
C LEU A 145 16.99 26.49 -7.00
N THR A 146 18.01 26.22 -7.80
CA THR A 146 18.25 27.03 -9.01
C THR A 146 17.08 26.91 -9.96
N SER A 147 16.58 25.70 -10.20
CA SER A 147 15.41 25.51 -11.05
C SER A 147 14.22 26.28 -10.49
N ILE A 148 14.00 26.22 -9.19
CA ILE A 148 12.89 27.01 -8.59
C ILE A 148 13.06 28.49 -8.88
N VAL A 149 14.24 29.05 -8.62
CA VAL A 149 14.47 30.50 -8.83
C VAL A 149 14.26 30.88 -10.28
N ARG A 150 14.64 30.00 -11.21
CA ARG A 150 14.44 30.30 -12.64
C ARG A 150 13.00 30.12 -13.09
N GLY A 151 12.16 29.46 -12.26
CA GLY A 151 10.84 29.06 -12.61
C GLY A 151 9.77 30.12 -12.46
N ILE A 152 10.10 31.34 -12.89
CA ILE A 152 9.15 32.46 -12.77
C ILE A 152 7.86 32.17 -13.51
N PRO A 153 6.72 32.31 -12.83
CA PRO A 153 5.43 32.14 -13.46
C PRO A 153 5.34 32.96 -14.74
N PHE A 154 4.83 32.31 -15.79
CA PHE A 154 4.79 32.95 -17.11
C PHE A 154 3.90 34.18 -17.08
N TRP A 155 4.31 35.15 -17.93
CA TRP A 155 3.51 36.37 -18.11
C TRP A 155 2.44 36.11 -19.16
N GLY A 156 1.37 35.43 -18.75
CA GLY A 156 0.32 35.05 -19.67
C GLY A 156 -0.96 35.84 -19.44
N GLY A 157 -0.85 37.08 -18.95
CA GLY A 157 -2.06 37.79 -18.50
C GLY A 157 -2.65 38.67 -19.57
N SER A 158 -1.98 38.82 -20.72
CA SER A 158 -2.57 39.72 -21.77
C SER A 158 -3.72 39.05 -22.49
N THR A 159 -4.78 39.82 -22.82
CA THR A 159 -5.82 39.32 -23.71
C THR A 159 -5.58 39.82 -25.13
N ILE A 160 -4.45 40.47 -25.36
CA ILE A 160 -3.99 40.83 -26.69
C ILE A 160 -2.63 40.20 -26.98
N ASP A 161 -2.51 39.44 -28.05
CA ASP A 161 -1.35 38.59 -28.30
C ASP A 161 -0.13 39.35 -28.69
N THR A 162 -0.25 40.64 -29.06
CA THR A 162 0.93 41.43 -29.35
C THR A 162 1.58 42.05 -28.14
N GLU A 163 1.00 41.93 -26.96
CA GLU A 163 1.57 42.53 -25.75
C GLU A 163 1.83 41.42 -24.71
N LEU A 164 2.94 41.58 -23.99
CA LEU A 164 3.19 40.58 -22.89
C LEU A 164 2.85 41.19 -21.55
N LYS A 165 2.05 40.51 -20.72
CA LYS A 165 1.62 41.11 -19.45
C LYS A 165 1.73 40.12 -18.29
N VAL A 166 2.07 40.58 -17.11
CA VAL A 166 2.16 39.67 -15.94
C VAL A 166 0.79 39.17 -15.53
N ILE A 167 0.72 38.02 -14.82
CA ILE A 167 -0.52 37.61 -14.17
C ILE A 167 -0.42 38.06 -12.73
N ASP A 168 -1.15 39.11 -12.34
CA ASP A 168 -0.95 39.81 -11.10
C ASP A 168 -1.21 39.02 -9.85
N THR A 169 -1.71 37.79 -9.94
CA THR A 169 -1.81 36.93 -8.77
C THR A 169 -0.51 36.16 -8.50
N ASN A 170 0.50 36.37 -9.32
CA ASN A 170 1.83 35.76 -9.06
C ASN A 170 2.71 36.77 -8.33
N CYS A 171 2.07 37.63 -7.51
CA CYS A 171 2.79 38.73 -6.86
C CYS A 171 2.39 38.87 -5.41
N ILE A 172 3.15 39.62 -4.63
CA ILE A 172 2.77 40.02 -3.29
C ILE A 172 2.96 41.55 -3.19
N ASN A 173 2.19 42.16 -2.32
CA ASN A 173 2.35 43.64 -2.14
C ASN A 173 3.27 43.88 -0.95
N VAL A 174 4.39 44.52 -1.24
CA VAL A 174 5.46 44.64 -0.24
C VAL A 174 5.43 46.10 0.30
N ILE A 175 5.09 46.19 1.55
CA ILE A 175 4.99 47.53 2.19
C ILE A 175 6.39 48.08 2.42
N GLN A 176 6.58 49.35 2.01
CA GLN A 176 7.87 50.02 2.14
C GLN A 176 7.96 50.81 3.44
N PRO A 177 9.15 51.24 3.78
CA PRO A 177 9.37 52.03 5.00
C PRO A 177 8.52 53.26 5.08
N ASP A 178 8.20 53.90 3.95
CA ASP A 178 7.37 55.09 3.96
C ASP A 178 5.88 54.81 3.99
N GLY A 179 5.47 53.51 4.04
CA GLY A 179 4.06 53.20 4.04
C GLY A 179 3.49 52.91 2.67
N SER A 180 4.25 53.19 1.60
CA SER A 180 3.74 52.86 0.26
C SER A 180 3.94 51.34 0.07
N TYR A 181 3.44 50.85 -1.05
CA TYR A 181 3.65 49.41 -1.34
C TYR A 181 4.06 49.22 -2.78
N ARG A 182 4.74 48.10 -3.03
CA ARG A 182 5.16 47.79 -4.39
C ARG A 182 4.74 46.34 -4.69
N SER A 183 4.10 46.19 -5.84
CA SER A 183 3.72 44.83 -6.28
C SER A 183 4.98 44.11 -6.75
N GLU A 184 5.29 42.95 -6.17
CA GLU A 184 6.56 42.30 -6.57
C GLU A 184 6.28 40.82 -6.96
N GLU A 185 6.86 40.40 -8.05
CA GLU A 185 6.67 39.00 -8.47
C GLU A 185 7.49 38.09 -7.53
N LEU A 186 6.95 36.91 -7.28
CA LEU A 186 7.75 35.95 -6.48
C LEU A 186 7.38 34.55 -6.97
N ASN A 187 8.20 33.58 -6.59
CA ASN A 187 7.93 32.20 -7.09
C ASN A 187 7.36 31.34 -5.96
N LEU A 188 7.85 31.59 -4.73
CA LEU A 188 7.57 30.60 -3.66
C LEU A 188 7.46 31.30 -2.33
N VAL A 189 6.48 30.89 -1.53
CA VAL A 189 6.35 31.37 -0.16
C VAL A 189 6.36 30.15 0.79
N ILE A 190 7.08 30.18 1.86
CA ILE A 190 6.98 29.11 2.88
C ILE A 190 6.17 29.73 4.04
N ILE A 191 5.05 29.12 4.34
CA ILE A 191 4.13 29.67 5.35
C ILE A 191 3.76 28.59 6.35
N GLY A 192 3.43 29.02 7.57
CA GLY A 192 3.02 28.06 8.61
C GLY A 192 1.74 27.34 8.25
N PRO A 193 1.50 26.20 8.92
CA PRO A 193 0.31 25.43 8.69
C PRO A 193 -0.96 26.17 9.08
N SER A 194 -2.06 25.66 8.58
CA SER A 194 -3.40 26.15 8.90
C SER A 194 -3.89 25.46 10.18
N ALA A 195 -5.15 25.16 10.31
CA ALA A 195 -5.65 24.55 11.56
C ALA A 195 -4.89 23.29 11.91
N ASP A 196 -4.81 22.34 10.97
CA ASP A 196 -4.04 21.10 11.26
C ASP A 196 -2.54 21.40 11.18
N ILE A 197 -1.88 21.45 12.32
CA ILE A 197 -0.49 21.91 12.38
C ILE A 197 0.51 21.00 11.73
N ILE A 198 0.19 19.70 11.58
CA ILE A 198 1.10 18.75 10.98
C ILE A 198 0.74 18.44 9.55
N GLN A 199 -0.17 19.23 8.96
CA GLN A 199 -0.53 19.03 7.56
C GLN A 199 0.38 19.94 6.69
N PHE A 200 1.23 19.30 5.92
CA PHE A 200 2.15 20.10 5.05
C PHE A 200 1.70 19.92 3.62
N GLU A 201 1.85 20.92 2.76
CA GLU A 201 1.44 20.75 1.39
C GLU A 201 1.89 21.95 0.53
N CYS A 202 1.88 21.71 -0.76
CA CYS A 202 2.19 22.80 -1.71
C CYS A 202 0.92 23.17 -2.42
N LYS A 203 0.57 24.46 -2.37
CA LYS A 203 -0.72 24.84 -3.00
C LYS A 203 -0.58 26.20 -3.67
N SER A 204 -1.55 26.46 -4.57
CA SER A 204 -1.65 27.83 -5.10
C SER A 204 -2.56 28.58 -4.12
N PHE A 205 -2.68 29.88 -4.34
CA PHE A 205 -3.70 30.62 -3.55
C PHE A 205 -5.07 30.09 -4.02
N GLY A 206 -5.94 29.74 -3.09
CA GLY A 206 -7.25 29.18 -3.50
C GLY A 206 -7.04 27.89 -4.29
N HIS A 207 -7.76 27.71 -5.39
CA HIS A 207 -7.52 26.54 -6.24
C HIS A 207 -7.09 26.97 -7.63
N ASP A 208 -6.36 26.10 -8.32
CA ASP A 208 -5.82 26.46 -9.64
C ASP A 208 -6.86 26.38 -10.73
N VAL A 209 -7.86 27.25 -10.71
CA VAL A 209 -8.95 27.22 -11.66
C VAL A 209 -8.52 27.48 -13.08
N LEU A 210 -7.49 28.26 -13.34
CA LEU A 210 -7.02 28.56 -14.67
C LEU A 210 -6.03 27.52 -15.18
N ASN A 211 -5.80 26.47 -14.40
CA ASN A 211 -4.84 25.44 -14.74
C ASN A 211 -3.46 25.97 -15.07
N LEU A 212 -3.00 27.01 -14.35
CA LEU A 212 -1.67 27.51 -14.53
C LEU A 212 -0.60 26.50 -14.12
N THR A 213 -0.90 25.62 -13.18
CA THR A 213 0.09 24.67 -12.71
C THR A 213 0.18 23.46 -13.65
N ARG A 214 -0.63 23.40 -14.66
CA ARG A 214 -0.72 22.25 -15.56
C ARG A 214 -0.76 22.63 -17.03
N ASN A 215 -0.45 23.90 -17.36
CA ASN A 215 -0.54 24.34 -18.74
C ASN A 215 0.74 24.95 -19.25
N GLY A 216 1.84 24.75 -18.53
CA GLY A 216 3.13 25.26 -18.90
C GLY A 216 3.45 26.65 -18.33
N TYR A 217 2.44 27.30 -17.78
CA TYR A 217 2.69 28.70 -17.34
C TYR A 217 3.39 28.71 -15.98
N GLY A 218 2.76 28.05 -15.02
CA GLY A 218 3.22 28.07 -13.63
C GLY A 218 2.60 29.26 -12.89
N SER A 219 2.53 29.13 -11.58
CA SER A 219 2.01 30.17 -10.71
C SER A 219 2.73 30.16 -9.38
N THR A 220 2.63 31.28 -8.66
CA THR A 220 3.25 31.38 -7.35
C THR A 220 2.72 30.34 -6.37
N GLN A 221 3.63 29.61 -5.75
CA GLN A 221 3.26 28.53 -4.84
C GLN A 221 3.46 28.90 -3.39
N TYR A 222 2.59 28.35 -2.55
CA TYR A 222 2.67 28.46 -1.11
C TYR A 222 2.88 27.08 -0.49
N ILE A 223 3.95 26.90 0.23
CA ILE A 223 4.15 25.63 0.96
C ILE A 223 3.80 25.83 2.43
N ARG A 224 2.69 25.19 2.84
CA ARG A 224 2.39 25.13 4.27
C ARG A 224 3.36 24.11 4.89
N PHE A 225 4.13 24.55 5.85
CA PHE A 225 5.16 23.66 6.43
C PHE A 225 5.52 24.13 7.81
N SER A 226 5.94 23.19 8.68
CA SER A 226 6.52 23.59 9.97
C SER A 226 7.79 22.76 10.21
N PRO A 227 8.90 23.39 10.54
CA PRO A 227 10.12 22.74 10.90
C PRO A 227 10.14 22.26 12.37
N ASP A 228 9.05 22.41 13.08
CA ASP A 228 8.97 22.14 14.51
C ASP A 228 8.34 20.78 14.81
N PHE A 229 7.88 20.09 13.80
CA PHE A 229 7.24 18.78 13.99
C PHE A 229 7.77 17.84 12.89
N THR A 230 7.73 16.53 13.15
CA THR A 230 8.08 15.56 12.13
C THR A 230 7.38 14.23 12.42
N PHE A 231 7.16 13.43 11.39
CA PHE A 231 6.43 12.17 11.54
C PHE A 231 7.43 11.05 11.84
N GLY A 232 6.92 10.02 12.52
CA GLY A 232 7.74 8.85 12.81
C GLY A 232 7.32 7.71 11.86
N PHE A 233 8.21 6.75 11.69
CA PHE A 233 7.90 5.58 10.86
C PHE A 233 8.70 4.38 11.40
N GLU A 234 8.15 3.20 11.18
CA GLU A 234 8.79 1.99 11.64
C GLU A 234 9.61 1.36 10.54
N GLU A 235 10.75 0.82 10.96
CA GLU A 235 11.71 0.32 9.98
C GLU A 235 12.64 -0.73 10.56
N SER A 236 13.00 -1.71 9.75
CA SER A 236 13.92 -2.77 10.13
C SER A 236 13.32 -3.70 11.16
N LEU A 245 10.22 -6.72 18.03
CA LEU A 245 11.29 -6.50 19.01
C LEU A 245 12.42 -5.65 18.42
N GLY A 246 12.76 -5.88 17.16
CA GLY A 246 13.87 -5.19 16.53
C GLY A 246 13.43 -4.16 15.52
N ALA A 247 12.17 -3.74 15.60
CA ALA A 247 11.67 -2.69 14.70
C ALA A 247 12.06 -1.33 15.26
N GLY A 248 13.06 -0.70 14.66
CA GLY A 248 13.49 0.62 15.13
C GLY A 248 12.38 1.65 14.85
N LYS A 249 12.24 2.61 15.72
CA LYS A 249 11.27 3.69 15.58
C LYS A 249 12.07 4.96 15.15
N PHE A 250 11.90 5.38 13.92
CA PHE A 250 12.70 6.50 13.42
C PHE A 250 11.82 7.73 13.15
N ALA A 251 12.51 8.84 12.89
CA ALA A 251 11.78 10.08 12.57
C ALA A 251 12.25 10.59 11.21
N THR A 252 11.28 11.08 10.44
CA THR A 252 11.64 11.68 9.12
C THR A 252 12.47 12.93 9.30
N ASP A 253 13.58 13.05 8.60
CA ASP A 253 14.36 14.31 8.60
C ASP A 253 13.53 15.38 7.85
N PRO A 254 13.27 16.50 8.50
CA PRO A 254 12.41 17.55 7.92
C PRO A 254 13.00 18.15 6.67
N ALA A 255 14.29 17.97 6.40
CA ALA A 255 14.85 18.48 5.12
C ALA A 255 14.29 17.66 3.95
N VAL A 256 14.01 16.38 4.19
CA VAL A 256 13.42 15.53 3.14
C VAL A 256 11.97 15.94 2.88
N THR A 257 11.26 16.21 3.97
CA THR A 257 9.85 16.68 3.84
C THR A 257 9.80 17.98 3.06
N LEU A 258 10.66 18.93 3.45
CA LEU A 258 10.70 20.20 2.68
C LEU A 258 11.05 19.98 1.24
N ALA A 259 12.07 19.19 0.92
CA ALA A 259 12.41 18.85 -0.46
C ALA A 259 11.24 18.27 -1.22
N HIS A 260 10.45 17.37 -0.61
CA HIS A 260 9.26 16.86 -1.29
C HIS A 260 8.31 18.02 -1.68
N GLU A 261 8.10 18.97 -0.77
CA GLU A 261 7.16 20.09 -1.08
C GLU A 261 7.78 21.02 -2.15
N LEU A 262 9.07 21.18 -2.12
CA LEU A 262 9.80 21.95 -3.12
C LEU A 262 9.71 21.31 -4.50
N ILE A 263 9.66 19.98 -4.55
CA ILE A 263 9.50 19.27 -5.83
C ILE A 263 8.12 19.54 -6.39
N HIS A 264 7.07 19.46 -5.52
CA HIS A 264 5.73 19.80 -6.00
C HIS A 264 5.77 21.26 -6.53
N ALA A 265 6.38 22.13 -5.73
CA ALA A 265 6.47 23.53 -6.13
C ALA A 265 7.12 23.70 -7.47
N GLU A 266 8.26 23.07 -7.78
CA GLU A 266 8.83 23.21 -9.11
C GLU A 266 7.94 22.66 -10.20
N HIS A 267 7.19 21.58 -9.97
CA HIS A 267 6.30 21.06 -11.01
C HIS A 267 5.23 22.17 -11.30
N ARG A 268 4.75 22.74 -10.21
CA ARG A 268 3.68 23.74 -10.29
C ARG A 268 4.18 25.07 -10.82
N LEU A 269 5.42 25.40 -10.63
CA LEU A 269 6.02 26.61 -11.22
C LEU A 269 6.35 26.49 -12.67
N TYR A 270 6.64 25.27 -13.15
CA TYR A 270 6.93 25.03 -14.54
C TYR A 270 5.67 24.68 -15.33
N GLY A 271 4.52 24.63 -14.65
CA GLY A 271 3.25 24.33 -15.30
C GLY A 271 3.21 22.88 -15.81
N ILE A 272 3.89 21.96 -15.10
CA ILE A 272 3.89 20.56 -15.58
C ILE A 272 3.40 19.62 -14.48
N ALA A 273 2.71 20.15 -13.48
CA ALA A 273 2.16 19.30 -12.45
C ALA A 273 0.95 18.53 -13.00
N ILE A 274 0.72 17.36 -12.38
CA ILE A 274 -0.46 16.60 -12.70
C ILE A 274 -1.51 16.84 -11.62
N ASN A 275 -2.77 17.03 -12.08
CA ASN A 275 -3.84 17.34 -11.12
C ASN A 275 -3.78 16.34 -9.96
N PRO A 276 -3.86 16.84 -8.74
CA PRO A 276 -3.77 16.00 -7.55
C PRO A 276 -5.02 15.14 -7.39
N ASN A 277 -6.09 15.48 -8.14
CA ASN A 277 -7.26 14.60 -8.11
C ASN A 277 -7.09 13.39 -9.01
N ARG A 278 -6.12 13.36 -9.89
CA ARG A 278 -5.86 12.23 -10.77
C ARG A 278 -5.22 11.05 -10.03
N VAL A 279 -6.10 10.13 -9.60
CA VAL A 279 -5.70 8.95 -8.85
C VAL A 279 -6.14 7.69 -9.57
N PHE A 280 -5.38 6.62 -9.42
CA PHE A 280 -5.74 5.38 -10.13
C PHE A 280 -5.56 4.21 -9.15
N LYS A 281 -6.18 3.10 -9.56
CA LYS A 281 -6.12 1.90 -8.68
C LYS A 281 -5.08 0.94 -9.20
N VAL A 282 -4.35 0.31 -8.29
CA VAL A 282 -3.42 -0.76 -8.61
C VAL A 282 -3.89 -2.01 -7.81
N ASN A 283 -4.37 -3.00 -8.55
CA ASN A 283 -4.89 -4.21 -7.85
C ASN A 283 -3.75 -5.09 -7.37
N THR A 284 -4.00 -5.83 -6.29
CA THR A 284 -3.00 -6.74 -5.75
C THR A 284 -3.08 -8.10 -6.48
N ASN A 285 -2.05 -8.89 -6.35
CA ASN A 285 -2.07 -10.30 -6.75
C ASN A 285 -2.83 -11.05 -5.61
N ALA A 286 -4.10 -11.27 -5.82
CA ALA A 286 -4.93 -11.84 -4.74
C ALA A 286 -4.52 -13.28 -4.42
N TYR A 287 -4.70 -13.68 -3.19
CA TYR A 287 -4.46 -15.10 -2.81
C TYR A 287 -5.16 -15.34 -1.53
N GLU B 2 -14.90 -4.41 -5.97
CA GLU B 2 -13.67 -3.72 -5.65
C GLU B 2 -12.60 -4.68 -5.14
N MET B 3 -11.38 -4.60 -5.69
CA MET B 3 -10.30 -5.49 -5.26
C MET B 3 -9.43 -4.82 -4.19
N SER B 4 -8.59 -5.59 -3.50
CA SER B 4 -7.61 -4.99 -2.57
C SER B 4 -6.46 -4.38 -3.44
N GLY B 5 -5.77 -3.39 -2.84
CA GLY B 5 -4.63 -2.83 -3.58
C GLY B 5 -4.45 -1.35 -3.17
N LEU B 6 -3.77 -0.62 -4.07
CA LEU B 6 -3.47 0.78 -3.76
C LEU B 6 -4.34 1.73 -4.58
N GLU B 7 -4.57 2.92 -4.01
CA GLU B 7 -5.11 4.07 -4.71
C GLU B 7 -3.98 5.15 -4.67
N VAL B 8 -3.43 5.47 -5.83
CA VAL B 8 -2.26 6.30 -5.92
C VAL B 8 -2.42 7.41 -6.97
N SER B 9 -1.65 8.46 -6.74
CA SER B 9 -1.73 9.67 -7.56
C SER B 9 -0.50 9.82 -8.42
N PHE B 10 -0.64 10.14 -9.68
CA PHE B 10 0.43 10.39 -10.59
C PHE B 10 1.42 11.44 -10.00
N GLU B 11 0.83 12.52 -9.51
CA GLU B 11 1.70 13.62 -9.00
C GLU B 11 2.50 13.18 -7.83
N GLU B 12 1.93 12.33 -6.93
CA GLU B 12 2.69 11.87 -5.79
C GLU B 12 3.78 10.90 -6.19
N LEU B 13 3.41 9.94 -7.06
CA LEU B 13 4.36 8.89 -7.46
C LEU B 13 5.59 9.50 -8.13
N ARG B 14 5.35 10.48 -9.00
CA ARG B 14 6.48 11.14 -9.69
C ARG B 14 7.30 11.98 -8.73
N THR B 15 6.67 12.57 -7.73
CA THR B 15 7.38 13.44 -6.76
C THR B 15 8.25 12.59 -5.82
N PHE B 16 7.69 11.47 -5.39
CA PHE B 16 8.48 10.58 -4.49
C PHE B 16 9.56 9.83 -5.25
N GLY B 17 9.25 9.32 -6.42
CA GLY B 17 10.22 8.61 -7.26
C GLY B 17 10.48 7.21 -6.66
N GLY B 18 11.71 6.77 -6.87
CA GLY B 18 12.14 5.44 -6.40
C GLY B 18 11.24 4.38 -7.05
N HIS B 19 11.00 3.36 -6.28
CA HIS B 19 10.23 2.20 -6.60
C HIS B 19 8.82 2.45 -7.06
N ASP B 20 8.08 3.31 -6.38
CA ASP B 20 6.73 3.66 -6.71
C ASP B 20 6.59 4.26 -8.14
N ALA B 21 7.60 4.92 -8.62
CA ALA B 21 7.50 5.55 -9.96
C ALA B 21 7.15 4.53 -11.02
N LYS B 22 7.55 3.27 -10.80
CA LYS B 22 7.23 2.18 -11.69
C LYS B 22 5.76 1.90 -11.86
N PHE B 23 4.90 2.33 -10.96
CA PHE B 23 3.46 2.15 -11.08
C PHE B 23 2.86 3.01 -12.21
N ILE B 24 3.58 3.99 -12.69
CA ILE B 24 3.08 4.77 -13.86
C ILE B 24 3.58 4.06 -15.12
N ASP B 25 2.69 3.57 -15.97
CA ASP B 25 3.21 2.80 -17.13
C ASP B 25 3.86 3.71 -18.15
N SER B 26 4.76 3.16 -18.96
CA SER B 26 5.46 3.85 -20.00
C SER B 26 4.53 4.66 -20.91
N LEU B 27 3.40 4.09 -21.30
CA LEU B 27 2.45 4.79 -22.13
C LEU B 27 2.02 6.11 -21.51
N GLN B 28 1.54 6.07 -20.28
CA GLN B 28 1.08 7.27 -19.58
C GLN B 28 2.24 8.27 -19.39
N GLU B 29 3.43 7.75 -19.07
CA GLU B 29 4.60 8.62 -18.93
C GLU B 29 4.82 9.40 -20.22
N ASN B 30 4.75 8.68 -21.34
CA ASN B 30 4.96 9.27 -22.65
C ASN B 30 3.86 10.24 -23.01
N GLU B 31 2.61 9.93 -22.68
CA GLU B 31 1.49 10.80 -22.96
C GLU B 31 1.63 12.12 -22.17
N PHE B 32 1.99 12.00 -20.90
CA PHE B 32 2.21 13.22 -20.10
C PHE B 32 3.32 14.07 -20.70
N ARG B 33 4.46 13.47 -21.00
CA ARG B 33 5.58 14.18 -21.60
C ARG B 33 5.20 14.91 -22.88
N LEU B 34 4.49 14.22 -23.79
CA LEU B 34 4.10 14.89 -25.05
C LEU B 34 3.16 16.06 -24.78
N TYR B 35 2.26 15.91 -23.81
CA TYR B 35 1.34 16.92 -23.41
C TYR B 35 2.07 18.20 -22.95
N TYR B 36 3.04 18.03 -22.06
CA TYR B 36 3.80 19.20 -21.57
C TYR B 36 4.75 19.76 -22.56
N TYR B 37 5.21 18.95 -23.53
CA TYR B 37 6.05 19.46 -24.62
C TYR B 37 5.19 20.39 -25.49
N ASN B 38 3.94 19.99 -25.71
CA ASN B 38 2.99 20.86 -26.44
C ASN B 38 2.67 22.12 -25.64
N LYS B 39 2.57 22.00 -24.31
CA LYS B 39 2.38 23.24 -23.51
C LYS B 39 3.54 24.16 -23.66
N PHE B 40 4.78 23.66 -23.63
CA PHE B 40 5.95 24.52 -23.76
C PHE B 40 5.97 25.16 -25.14
N LYS B 41 5.56 24.41 -26.17
CA LYS B 41 5.55 25.04 -27.52
C LYS B 41 4.55 26.19 -27.54
N ASP B 42 3.43 26.03 -26.82
CA ASP B 42 2.44 27.12 -26.77
C ASP B 42 2.95 28.35 -26.06
N VAL B 43 3.76 28.20 -25.02
CA VAL B 43 4.48 29.30 -24.41
C VAL B 43 5.46 29.95 -25.38
N ALA B 44 6.19 29.15 -26.16
CA ALA B 44 7.15 29.75 -27.12
C ALA B 44 6.36 30.60 -28.14
N SER B 45 5.24 30.07 -28.57
CA SER B 45 4.37 30.72 -29.54
C SER B 45 3.81 32.03 -29.01
N THR B 46 3.32 32.04 -27.79
CA THR B 46 2.89 33.31 -27.13
C THR B 46 3.97 34.31 -27.03
N LEU B 47 5.20 33.91 -26.63
CA LEU B 47 6.33 34.82 -26.63
C LEU B 47 6.61 35.41 -28.01
N ASN B 48 6.58 34.57 -29.06
CA ASN B 48 6.93 35.05 -30.38
C ASN B 48 5.94 36.10 -30.89
N LYS B 49 4.69 35.98 -30.51
CA LYS B 49 3.67 36.97 -30.95
C LYS B 49 3.86 38.30 -30.25
N ALA B 50 4.43 38.29 -29.04
CA ALA B 50 4.56 39.53 -28.26
C ALA B 50 5.60 40.46 -28.85
N LYS B 51 5.18 41.68 -29.16
CA LYS B 51 6.09 42.69 -29.71
C LYS B 51 6.23 43.88 -28.77
N SER B 52 5.45 43.95 -27.71
CA SER B 52 5.49 45.02 -26.74
C SER B 52 5.28 44.43 -25.32
N ILE B 53 5.55 45.28 -24.32
CA ILE B 53 5.40 44.75 -22.93
C ILE B 53 4.60 45.72 -22.10
N ILE B 54 3.69 45.20 -21.32
CA ILE B 54 2.81 45.95 -20.47
C ILE B 54 3.52 46.18 -19.11
N GLY B 55 3.32 47.39 -18.63
CA GLY B 55 3.75 47.68 -17.23
C GLY B 55 5.16 48.25 -17.40
N THR B 56 5.70 48.82 -16.35
CA THR B 56 7.00 49.51 -16.53
C THR B 56 8.07 48.78 -15.79
N THR B 57 7.72 47.61 -15.20
CA THR B 57 8.69 46.92 -14.37
C THR B 57 9.80 46.22 -15.10
N ALA B 58 9.73 46.00 -16.41
CA ALA B 58 10.84 45.38 -17.15
C ALA B 58 10.72 45.57 -18.65
N SER B 59 11.83 45.41 -19.39
CA SER B 59 11.79 45.55 -20.84
C SER B 59 11.41 44.22 -21.52
N LEU B 60 10.92 44.26 -22.74
CA LEU B 60 10.45 43.00 -23.39
C LEU B 60 11.59 42.01 -23.60
N GLN B 61 12.73 42.55 -24.08
CA GLN B 61 13.92 41.73 -24.26
C GLN B 61 14.32 41.01 -22.99
N TYR B 62 14.30 41.68 -21.86
CA TYR B 62 14.63 41.11 -20.57
C TYR B 62 13.67 39.97 -20.23
N MET B 63 12.38 40.19 -20.36
CA MET B 63 11.37 39.24 -20.01
C MET B 63 11.40 38.03 -20.95
N LYS B 64 11.74 38.28 -22.23
CA LYS B 64 11.85 37.18 -23.19
C LYS B 64 13.03 36.29 -22.84
N ASN B 65 14.13 36.88 -22.44
CA ASN B 65 15.30 36.20 -21.99
C ASN B 65 15.03 35.38 -20.71
N VAL B 66 14.28 35.96 -19.77
CA VAL B 66 13.99 35.14 -18.56
C VAL B 66 13.21 33.90 -18.95
N PHE B 67 12.26 33.97 -19.88
CA PHE B 67 11.51 32.78 -20.26
C PHE B 67 12.28 31.89 -21.18
N LYS B 68 13.23 32.44 -21.96
CA LYS B 68 14.10 31.49 -22.75
C LYS B 68 14.92 30.67 -21.76
N GLU B 69 15.37 31.33 -20.68
CA GLU B 69 16.19 30.62 -19.68
C GLU B 69 15.32 29.63 -18.90
N LYS B 70 14.11 30.01 -18.59
CA LYS B 70 13.25 29.11 -17.77
C LYS B 70 12.97 27.82 -18.52
N TYR B 71 12.47 28.00 -19.75
CA TYR B 71 12.03 26.87 -20.55
C TYR B 71 13.15 26.32 -21.43
N LEU B 72 14.34 26.82 -21.35
CA LEU B 72 15.47 26.38 -22.16
C LEU B 72 15.10 26.37 -23.64
N LEU B 73 14.53 27.49 -24.09
CA LEU B 73 14.13 27.62 -25.48
C LEU B 73 15.33 27.87 -26.37
N SER B 74 15.23 27.47 -27.64
CA SER B 74 16.25 27.88 -28.62
C SER B 74 15.76 29.21 -29.23
N GLU B 75 16.69 30.02 -29.64
CA GLU B 75 16.35 31.32 -30.27
C GLU B 75 17.16 31.44 -31.57
N ASP B 76 16.50 31.71 -32.67
CA ASP B 76 17.19 31.84 -33.96
C ASP B 76 17.71 33.26 -34.11
N THR B 77 18.36 33.58 -35.23
CA THR B 77 18.92 34.90 -35.43
C THR B 77 17.91 36.01 -35.52
N SER B 78 16.67 35.72 -35.83
CA SER B 78 15.60 36.70 -35.89
C SER B 78 14.90 36.90 -34.56
N GLY B 79 15.34 36.17 -33.52
CA GLY B 79 14.74 36.34 -32.20
C GLY B 79 13.55 35.44 -31.98
N LYS B 80 13.28 34.50 -32.90
CA LYS B 80 12.13 33.61 -32.72
C LYS B 80 12.54 32.43 -31.82
N PHE B 81 11.66 32.11 -30.87
CA PHE B 81 11.96 30.96 -29.99
C PHE B 81 11.27 29.71 -30.52
N SER B 82 11.86 28.57 -30.16
CA SER B 82 11.24 27.28 -30.38
C SER B 82 11.66 26.34 -29.24
N VAL B 83 10.95 25.25 -29.10
CA VAL B 83 11.30 24.23 -28.12
C VAL B 83 12.04 23.09 -28.82
N ASP B 84 13.29 22.89 -28.46
CA ASP B 84 14.09 21.78 -28.99
C ASP B 84 13.71 20.51 -28.23
N LYS B 85 13.33 19.46 -28.93
CA LYS B 85 12.91 18.24 -28.32
C LYS B 85 13.91 17.65 -27.35
N LEU B 86 15.20 17.66 -27.70
CA LEU B 86 16.18 17.02 -26.82
C LEU B 86 16.46 17.86 -25.59
N LYS B 87 16.42 19.19 -25.72
CA LYS B 87 16.57 20.04 -24.54
C LYS B 87 15.33 19.90 -23.65
N PHE B 88 14.16 19.77 -24.28
CA PHE B 88 12.95 19.57 -23.51
C PHE B 88 13.02 18.27 -22.71
N ASP B 89 13.33 17.17 -23.43
CA ASP B 89 13.40 15.87 -22.78
C ASP B 89 14.33 15.88 -21.58
N LYS B 90 15.51 16.51 -21.68
CA LYS B 90 16.45 16.59 -20.58
C LYS B 90 15.87 17.39 -19.40
N LEU B 91 15.27 18.54 -19.72
CA LEU B 91 14.68 19.37 -18.68
C LEU B 91 13.52 18.66 -18.00
N TYR B 92 12.61 18.11 -18.78
CA TYR B 92 11.46 17.38 -18.29
C TYR B 92 11.89 16.19 -17.39
N LYS B 93 12.93 15.51 -17.82
CA LYS B 93 13.52 14.44 -17.02
C LYS B 93 14.08 14.99 -15.71
N MET B 94 14.85 16.05 -15.75
CA MET B 94 15.36 16.69 -14.53
C MET B 94 14.23 16.98 -13.54
N LEU B 95 13.15 17.65 -14.04
CA LEU B 95 12.12 18.14 -13.18
C LEU B 95 11.15 17.08 -12.69
N THR B 96 11.03 15.96 -13.39
CA THR B 96 10.04 14.96 -12.94
C THR B 96 10.68 13.65 -12.51
N GLU B 97 11.89 13.32 -12.91
CA GLU B 97 12.47 12.04 -12.50
C GLU B 97 13.75 12.18 -11.68
N ILE B 98 14.45 13.31 -11.83
CA ILE B 98 15.70 13.51 -11.07
C ILE B 98 15.44 14.19 -9.76
N TYR B 99 14.61 15.24 -9.74
CA TYR B 99 14.23 15.88 -8.48
C TYR B 99 13.09 15.07 -7.82
N THR B 100 13.49 14.13 -6.94
CA THR B 100 12.53 13.27 -6.28
C THR B 100 12.92 13.10 -4.81
N GLU B 101 11.89 12.82 -3.98
CA GLU B 101 12.19 12.58 -2.58
C GLU B 101 13.20 11.44 -2.42
N ASP B 102 13.00 10.35 -3.18
CA ASP B 102 13.94 9.20 -3.04
C ASP B 102 15.37 9.58 -3.37
N ASN B 103 15.57 10.41 -4.41
CA ASN B 103 16.91 10.88 -4.73
C ASN B 103 17.49 11.77 -3.65
N PHE B 104 16.67 12.59 -2.98
CA PHE B 104 17.24 13.43 -1.88
C PHE B 104 17.63 12.57 -0.67
N VAL B 105 16.90 11.51 -0.43
CA VAL B 105 17.23 10.62 0.72
C VAL B 105 18.65 10.09 0.56
N ASN B 106 18.99 9.70 -0.67
CA ASN B 106 20.29 9.19 -1.00
C ASN B 106 21.38 10.22 -0.89
N PHE B 107 21.10 11.48 -1.24
CA PHE B 107 22.05 12.56 -1.06
C PHE B 107 22.26 12.93 0.39
N PHE B 108 21.20 12.93 1.20
CA PHE B 108 21.30 13.26 2.60
C PHE B 108 21.85 12.06 3.41
N LYS B 109 21.72 10.89 2.87
CA LYS B 109 22.14 9.66 3.58
C LYS B 109 21.40 9.53 4.90
N VAL B 110 20.08 9.66 4.83
CA VAL B 110 19.22 9.49 5.99
C VAL B 110 18.37 8.23 5.79
N ILE B 111 17.78 7.75 6.86
CA ILE B 111 16.78 6.68 6.77
C ILE B 111 15.41 7.36 6.58
N ASN B 112 14.60 6.77 5.73
CA ASN B 112 13.29 7.38 5.39
C ASN B 112 12.29 6.31 5.00
N ARG B 113 11.03 6.69 4.86
CA ARG B 113 10.04 5.78 4.29
C ARG B 113 10.42 5.41 2.87
N LYS B 114 9.95 4.26 2.38
CA LYS B 114 10.29 3.81 1.04
C LYS B 114 9.19 4.04 0.03
N THR B 115 8.12 4.71 0.43
CA THR B 115 6.99 4.99 -0.44
C THR B 115 6.33 6.28 0.09
N TYR B 116 5.67 7.03 -0.76
CA TYR B 116 4.96 8.23 -0.30
C TYR B 116 3.80 7.91 0.62
N LEU B 117 3.20 6.71 0.45
CA LEU B 117 2.08 6.33 1.34
C LEU B 117 2.52 6.23 2.78
N ASN B 118 1.75 6.82 3.69
CA ASN B 118 2.13 6.91 5.10
C ASN B 118 0.90 6.76 5.98
N PHE B 119 0.90 5.69 6.80
CA PHE B 119 -0.24 5.41 7.67
C PHE B 119 0.15 5.48 9.13
N ASP B 120 1.34 6.03 9.40
CA ASP B 120 1.83 6.20 10.75
C ASP B 120 1.01 7.22 11.55
N LYS B 121 0.97 7.02 12.87
CA LYS B 121 0.29 7.97 13.74
C LYS B 121 1.24 8.67 14.67
N ALA B 122 2.50 8.27 14.71
CA ALA B 122 3.44 8.92 15.64
C ALA B 122 3.96 10.22 15.03
N VAL B 123 3.80 11.31 15.79
CA VAL B 123 4.24 12.63 15.35
C VAL B 123 5.00 13.27 16.53
N PHE B 124 6.15 13.88 16.28
CA PHE B 124 6.99 14.40 17.31
C PHE B 124 7.27 15.90 17.17
N ARG B 125 7.33 16.57 18.33
CA ARG B 125 7.88 17.94 18.35
C ARG B 125 9.38 17.85 18.35
N ILE B 126 10.06 18.63 17.51
CA ILE B 126 11.50 18.65 17.41
C ILE B 126 12.04 20.07 17.56
N ASN B 127 13.36 20.21 17.57
CA ASN B 127 13.97 21.55 17.74
C ASN B 127 15.29 21.57 17.01
N ILE B 128 15.30 21.91 15.71
CA ILE B 128 16.50 21.78 14.90
C ILE B 128 17.40 22.98 14.88
N VAL B 129 16.98 24.12 15.43
CA VAL B 129 17.84 25.31 15.41
C VAL B 129 19.17 25.11 16.05
N PRO B 130 19.21 24.59 17.27
CA PRO B 130 20.49 24.30 17.93
C PRO B 130 21.30 23.30 17.13
N ASP B 131 22.57 23.61 16.87
CA ASP B 131 23.50 22.71 16.26
C ASP B 131 23.81 21.47 17.12
N GLU B 132 23.45 21.53 18.41
CA GLU B 132 23.64 20.38 19.28
C GLU B 132 22.60 19.31 18.97
N ASN B 133 21.54 19.71 18.25
CA ASN B 133 20.45 18.83 17.93
C ASN B 133 20.44 18.39 16.46
N TYR B 134 20.83 19.31 15.59
CA TYR B 134 20.65 19.06 14.12
C TYR B 134 21.57 20.01 13.36
N THR B 135 22.34 19.49 12.42
CA THR B 135 23.22 20.36 11.66
C THR B 135 22.86 20.38 10.17
N ILE B 136 23.33 21.45 9.50
CA ILE B 136 23.20 21.50 8.04
C ILE B 136 23.87 20.30 7.40
N LYS B 137 25.07 19.96 7.87
CA LYS B 137 25.85 18.87 7.29
C LYS B 137 25.25 17.49 7.54
N ASP B 138 24.86 17.20 8.78
CA ASP B 138 24.49 15.84 9.13
C ASP B 138 23.10 15.63 9.62
N GLY B 139 22.24 16.64 9.65
CA GLY B 139 20.87 16.44 10.18
C GLY B 139 20.97 16.01 11.65
N PHE B 140 20.11 15.08 12.04
CA PHE B 140 20.10 14.56 13.40
C PHE B 140 21.27 13.61 13.66
N ASN B 141 21.89 13.09 12.63
CA ASN B 141 22.92 12.05 12.80
C ASN B 141 24.29 12.64 12.98
N LEU B 142 24.47 13.38 14.10
CA LEU B 142 25.68 14.14 14.32
C LEU B 142 26.86 13.15 14.65
N LYS B 143 28.04 13.70 14.47
CA LYS B 143 29.26 12.90 14.69
C LYS B 143 29.67 12.90 16.16
N ALA B 145 29.03 11.88 20.05
CA ALA B 145 28.38 10.64 20.45
C ALA B 145 27.95 9.84 19.24
N ASN B 146 27.66 8.56 19.45
CA ASN B 146 27.26 7.67 18.38
C ASN B 146 25.89 7.92 17.80
N LEU B 147 25.63 9.14 17.29
CA LEU B 147 24.39 9.42 16.59
C LEU B 147 24.59 9.30 15.08
N SER B 148 25.83 9.07 14.66
CA SER B 148 26.14 8.94 13.25
C SER B 148 26.16 7.50 12.75
N THR B 149 25.89 6.52 13.59
CA THR B 149 25.86 5.13 13.13
C THR B 149 24.44 4.57 13.21
N ASN B 150 24.08 3.77 12.21
CA ASN B 150 22.76 3.18 12.14
C ASN B 150 21.64 4.21 12.24
N PHE B 151 21.88 5.44 11.77
CA PHE B 151 20.86 6.49 11.85
C PHE B 151 20.35 6.68 13.26
N ASN B 152 21.23 6.55 14.27
CA ASN B 152 20.82 6.66 15.65
C ASN B 152 20.29 8.04 16.01
N GLY B 153 20.75 9.06 15.31
CA GLY B 153 20.22 10.42 15.47
C GLY B 153 18.75 10.51 15.09
N GLN B 154 18.29 9.67 14.14
CA GLN B 154 16.90 9.62 13.75
C GLN B 154 16.07 8.64 14.56
N ASN B 155 16.74 7.83 15.37
CA ASN B 155 15.99 6.84 16.21
C ASN B 155 15.35 7.56 17.37
N THR B 156 14.05 7.53 17.52
CA THR B 156 13.33 8.27 18.53
C THR B 156 13.46 7.70 19.94
N GLU B 157 14.05 6.52 20.07
CA GLU B 157 14.21 5.93 21.43
C GLU B 157 15.62 6.33 21.92
N ILE B 158 16.58 6.04 21.05
CA ILE B 158 17.98 6.32 21.32
C ILE B 158 18.26 7.80 21.44
N ASN B 159 17.71 8.59 20.49
CA ASN B 159 17.89 10.04 20.55
C ASN B 159 16.59 10.68 21.02
N SER B 160 15.98 10.07 22.04
CA SER B 160 14.71 10.46 22.57
C SER B 160 14.63 11.89 23.04
N ARG B 161 15.74 12.50 23.43
CA ARG B 161 15.69 13.88 23.93
C ARG B 161 15.24 14.82 22.79
N ASN B 162 15.58 14.42 21.56
CA ASN B 162 15.26 15.23 20.40
C ASN B 162 13.88 15.04 19.84
N PHE B 163 13.09 14.10 20.33
CA PHE B 163 11.75 13.84 19.81
C PHE B 163 10.72 13.69 20.91
N THR B 164 9.83 14.66 21.04
CA THR B 164 8.75 14.57 22.03
C THR B 164 7.44 14.22 21.36
N ARG B 165 6.87 13.06 21.72
CA ARG B 165 5.66 12.61 21.08
C ARG B 165 4.46 13.49 21.41
N LEU B 166 3.65 13.77 20.40
CA LEU B 166 2.47 14.62 20.58
C LEU B 166 1.33 13.77 21.20
N MET C 45 2.05 -41.92 -0.98
CA MET C 45 1.30 -42.29 -2.17
C MET C 45 1.97 -41.78 -3.44
N ALA C 46 1.79 -42.52 -4.52
CA ALA C 46 2.22 -42.12 -5.85
C ALA C 46 0.99 -42.08 -6.75
N TYR C 47 1.01 -41.23 -7.77
CA TYR C 47 -0.11 -41.09 -8.66
C TYR C 47 -0.58 -42.39 -9.26
N LYS C 48 0.36 -43.31 -9.59
CA LYS C 48 -0.08 -44.53 -10.28
C LYS C 48 -0.58 -45.60 -9.34
N ASP C 49 -0.56 -45.38 -8.03
CA ASP C 49 -1.09 -46.37 -7.09
C ASP C 49 -2.53 -46.72 -7.41
N PRO C 50 -2.88 -48.00 -7.26
CA PRO C 50 -4.19 -48.48 -7.61
C PRO C 50 -5.28 -47.94 -6.68
N VAL C 51 -6.49 -47.82 -7.22
CA VAL C 51 -7.61 -47.32 -6.40
C VAL C 51 -8.02 -48.38 -5.37
N ASN C 52 -8.66 -47.93 -4.30
CA ASN C 52 -9.18 -48.83 -3.28
C ASN C 52 -10.54 -48.37 -2.81
N GLY C 53 -10.98 -47.19 -3.31
CA GLY C 53 -12.26 -46.63 -2.94
C GLY C 53 -12.26 -45.96 -1.57
N VAL C 54 -11.16 -46.00 -0.85
CA VAL C 54 -11.04 -45.45 0.49
C VAL C 54 -10.14 -44.25 0.55
N ASP C 55 -8.86 -44.39 0.19
CA ASP C 55 -7.94 -43.26 0.21
C ASP C 55 -7.35 -42.97 -1.14
N ILE C 56 -7.53 -43.85 -2.12
CA ILE C 56 -7.22 -43.57 -3.50
C ILE C 56 -8.44 -43.96 -4.35
N ALA C 57 -9.02 -42.98 -5.03
CA ALA C 57 -10.22 -43.31 -5.82
C ALA C 57 -10.44 -42.29 -6.90
N TYR C 58 -11.21 -42.66 -7.93
CA TYR C 58 -11.77 -41.69 -8.85
C TYR C 58 -13.05 -41.12 -8.22
N ILE C 59 -13.18 -39.78 -8.31
CA ILE C 59 -14.29 -39.13 -7.62
C ILE C 59 -15.01 -38.16 -8.54
N LYS C 60 -16.22 -37.78 -8.20
CA LYS C 60 -16.95 -36.73 -8.87
C LYS C 60 -17.38 -35.68 -7.81
N ILE C 61 -17.44 -34.44 -8.22
CA ILE C 61 -17.82 -33.36 -7.30
C ILE C 61 -19.30 -33.01 -7.49
N PRO C 62 -20.07 -33.08 -6.41
CA PRO C 62 -21.46 -32.72 -6.41
C PRO C 62 -21.68 -31.33 -7.03
N ASN C 63 -22.62 -31.26 -7.95
CA ASN C 63 -22.96 -30.06 -8.67
C ASN C 63 -22.01 -29.76 -9.81
N ALA C 64 -20.96 -30.55 -9.98
CA ALA C 64 -20.03 -30.39 -11.09
C ALA C 64 -20.59 -31.28 -12.24
N GLY C 65 -21.71 -30.84 -12.76
CA GLY C 65 -22.53 -31.48 -13.71
C GLY C 65 -22.02 -32.74 -14.36
N GLN C 66 -21.71 -32.64 -15.66
CA GLN C 66 -21.26 -33.77 -16.44
C GLN C 66 -19.77 -33.98 -16.44
N MET C 67 -19.11 -33.94 -15.29
CA MET C 67 -17.68 -34.17 -15.22
C MET C 67 -17.31 -35.64 -15.34
N GLN C 68 -16.18 -35.88 -16.01
CA GLN C 68 -15.58 -37.23 -16.01
C GLN C 68 -14.89 -37.41 -14.63
N PRO C 69 -14.97 -38.58 -14.05
CA PRO C 69 -14.34 -38.85 -12.79
C PRO C 69 -12.86 -38.49 -12.82
N VAL C 70 -12.34 -37.90 -11.74
CA VAL C 70 -10.92 -37.62 -11.63
C VAL C 70 -10.27 -38.36 -10.48
N LYS C 71 -9.00 -38.73 -10.63
CA LYS C 71 -8.32 -39.50 -9.60
C LYS C 71 -7.89 -38.64 -8.43
N ALA C 72 -8.24 -39.07 -7.21
CA ALA C 72 -8.00 -38.25 -6.02
C ALA C 72 -7.45 -39.09 -4.88
N PHE C 73 -6.70 -38.45 -4.00
CA PHE C 73 -5.92 -39.07 -2.95
C PHE C 73 -6.22 -38.49 -1.60
N LYS C 74 -6.72 -39.34 -0.69
CA LYS C 74 -7.04 -38.83 0.66
C LYS C 74 -5.79 -38.86 1.50
N ILE C 75 -5.09 -37.72 1.61
CA ILE C 75 -3.76 -37.74 2.23
C ILE C 75 -3.86 -37.73 3.73
N HIS C 76 -5.08 -37.45 4.23
CA HIS C 76 -5.34 -37.47 5.66
C HIS C 76 -6.86 -37.41 5.89
N ASN C 77 -7.32 -37.87 7.03
CA ASN C 77 -8.75 -37.80 7.36
C ASN C 77 -9.33 -36.41 6.98
N LYS C 78 -10.40 -36.44 6.20
CA LYS C 78 -11.12 -35.26 5.81
C LYS C 78 -10.44 -34.39 4.77
N ILE C 79 -9.27 -34.75 4.24
CA ILE C 79 -8.50 -33.92 3.34
C ILE C 79 -8.01 -34.72 2.12
N TRP C 80 -8.44 -34.30 0.93
CA TRP C 80 -8.11 -34.92 -0.31
C TRP C 80 -7.25 -34.04 -1.21
N VAL C 81 -6.51 -34.68 -2.09
CA VAL C 81 -5.74 -33.92 -3.11
C VAL C 81 -6.14 -34.42 -4.48
N ILE C 82 -6.52 -33.54 -5.37
CA ILE C 82 -6.87 -33.83 -6.74
C ILE C 82 -5.84 -33.17 -7.67
N PRO C 83 -4.99 -33.97 -8.26
CA PRO C 83 -3.93 -33.40 -9.16
C PRO C 83 -4.49 -33.10 -10.51
N GLU C 84 -5.43 -32.19 -10.64
CA GLU C 84 -6.05 -31.80 -11.91
C GLU C 84 -6.19 -30.26 -11.92
N ARG C 85 -6.21 -29.70 -13.10
CA ARG C 85 -6.52 -28.25 -13.20
C ARG C 85 -8.00 -28.09 -12.85
N ASP C 86 -8.34 -27.07 -12.07
CA ASP C 86 -9.71 -26.90 -11.63
C ASP C 86 -10.60 -26.27 -12.71
N THR C 87 -11.21 -27.13 -13.52
CA THR C 87 -12.25 -26.75 -14.44
C THR C 87 -13.63 -27.13 -13.89
N PHE C 88 -13.69 -27.50 -12.63
CA PHE C 88 -14.90 -28.03 -12.01
C PHE C 88 -15.62 -27.13 -11.06
N THR C 89 -14.94 -26.45 -10.13
CA THR C 89 -15.61 -25.77 -9.04
C THR C 89 -16.16 -24.40 -9.36
N ASN C 90 -15.89 -23.87 -10.53
CA ASN C 90 -16.47 -22.59 -10.95
C ASN C 90 -17.18 -22.81 -12.31
N PRO C 91 -18.50 -22.89 -12.27
CA PRO C 91 -19.30 -23.10 -13.48
C PRO C 91 -18.96 -22.14 -14.59
N GLU C 92 -18.49 -20.94 -14.27
CA GLU C 92 -18.05 -19.98 -15.26
C GLU C 92 -16.62 -20.18 -15.71
N GLU C 93 -15.93 -21.19 -15.21
CA GLU C 93 -14.56 -21.46 -15.60
C GLU C 93 -14.40 -22.93 -16.01
N GLY C 94 -14.86 -23.27 -17.20
CA GLY C 94 -14.87 -24.65 -17.65
C GLY C 94 -13.68 -25.04 -18.50
N ASP C 95 -12.78 -24.10 -18.77
CA ASP C 95 -11.60 -24.41 -19.59
C ASP C 95 -10.37 -23.64 -19.13
N LEU C 96 -9.26 -23.83 -19.85
CA LEU C 96 -7.97 -23.30 -19.44
C LEU C 96 -7.45 -22.19 -20.36
N ASN C 97 -8.35 -21.59 -21.12
CA ASN C 97 -7.95 -20.50 -22.02
C ASN C 97 -7.90 -19.18 -21.23
N PRO C 98 -7.03 -18.29 -21.66
CA PRO C 98 -6.96 -16.95 -21.08
C PRO C 98 -8.32 -16.29 -21.29
N PRO C 99 -8.73 -15.44 -20.36
CA PRO C 99 -10.02 -14.77 -20.44
C PRO C 99 -10.07 -13.80 -21.61
N PRO C 100 -11.27 -13.50 -22.08
CA PRO C 100 -11.49 -12.59 -23.19
C PRO C 100 -10.87 -11.23 -22.86
N GLU C 101 -11.22 -10.70 -21.67
CA GLU C 101 -10.52 -9.52 -21.19
C GLU C 101 -9.52 -9.86 -20.10
N ALA C 102 -8.29 -9.41 -20.32
CA ALA C 102 -7.16 -9.64 -19.46
C ALA C 102 -7.43 -9.30 -18.00
N LYS C 103 -7.03 -10.21 -17.11
CA LYS C 103 -7.23 -9.96 -15.68
C LYS C 103 -6.32 -8.80 -15.24
N GLN C 104 -6.93 -7.89 -14.49
CA GLN C 104 -6.24 -6.69 -14.03
C GLN C 104 -5.47 -6.95 -12.74
N VAL C 105 -4.36 -7.65 -12.86
CA VAL C 105 -3.49 -7.96 -11.72
C VAL C 105 -2.04 -7.74 -12.19
N PRO C 106 -1.11 -7.66 -11.29
CA PRO C 106 0.29 -7.46 -11.63
C PRO C 106 0.82 -8.50 -12.59
N VAL C 107 0.51 -9.79 -12.36
CA VAL C 107 1.01 -10.84 -13.25
C VAL C 107 0.07 -12.04 -13.26
N SER C 108 -0.09 -12.64 -14.43
CA SER C 108 -0.85 -13.86 -14.63
C SER C 108 -0.06 -14.76 -15.58
N TYR C 109 -0.38 -16.05 -15.61
CA TYR C 109 0.38 -16.97 -16.47
C TYR C 109 -0.54 -18.09 -16.96
N TYR C 110 -0.58 -18.27 -18.27
CA TYR C 110 -1.41 -19.26 -18.89
C TYR C 110 -0.63 -20.33 -19.66
N ASP C 111 -1.04 -21.58 -19.44
CA ASP C 111 -0.45 -22.72 -20.13
C ASP C 111 -1.43 -23.89 -20.00
N SER C 112 -2.29 -24.06 -20.99
CA SER C 112 -3.29 -25.13 -20.95
C SER C 112 -2.74 -26.52 -20.88
N THR C 113 -1.44 -26.77 -20.98
CA THR C 113 -0.85 -28.07 -20.87
C THR C 113 -0.28 -28.37 -19.50
N TYR C 114 -0.15 -27.36 -18.62
CA TYR C 114 0.38 -27.62 -17.29
C TYR C 114 -0.54 -28.59 -16.52
N LEU C 115 0.04 -29.57 -15.87
CA LEU C 115 -0.75 -30.55 -15.09
C LEU C 115 -1.65 -31.40 -15.96
N SER C 116 -1.09 -31.91 -17.09
CA SER C 116 -1.86 -32.74 -17.99
C SER C 116 -1.35 -34.16 -18.09
N THR C 117 -0.15 -34.45 -17.63
CA THR C 117 0.40 -35.79 -17.72
C THR C 117 0.49 -36.46 -16.36
N ASP C 118 0.63 -37.80 -16.37
CA ASP C 118 0.80 -38.56 -15.14
C ASP C 118 2.03 -38.14 -14.36
N ASN C 119 3.14 -37.87 -15.08
CA ASN C 119 4.35 -37.43 -14.39
C ASN C 119 4.09 -36.15 -13.57
N GLU C 120 3.51 -35.16 -14.24
CA GLU C 120 3.25 -33.86 -13.60
C GLU C 120 2.27 -34.03 -12.41
N LYS C 121 1.33 -34.96 -12.58
CA LYS C 121 0.35 -35.21 -11.50
C LYS C 121 0.98 -35.95 -10.35
N ASP C 122 1.97 -36.81 -10.62
CA ASP C 122 2.73 -37.44 -9.56
C ASP C 122 3.56 -36.44 -8.80
N ASN C 123 4.20 -35.53 -9.54
CA ASN C 123 5.08 -34.53 -8.90
C ASN C 123 4.22 -33.53 -8.11
N TYR C 124 3.03 -33.26 -8.66
CA TYR C 124 2.11 -32.32 -7.95
C TYR C 124 1.68 -32.95 -6.64
N LEU C 125 1.19 -34.21 -6.72
CA LEU C 125 0.75 -34.91 -5.52
C LEU C 125 1.83 -34.99 -4.48
N LYS C 126 3.08 -35.31 -4.92
CA LYS C 126 4.19 -35.38 -4.00
C LYS C 126 4.61 -34.02 -3.47
N GLY C 127 4.53 -32.99 -4.29
CA GLY C 127 4.85 -31.62 -3.84
C GLY C 127 3.88 -31.15 -2.77
N VAL C 128 2.56 -31.34 -3.04
CA VAL C 128 1.57 -30.96 -2.00
C VAL C 128 1.76 -31.74 -0.73
N THR C 129 1.98 -33.05 -0.80
CA THR C 129 2.13 -33.87 0.41
C THR C 129 3.30 -33.46 1.24
N LYS C 130 4.42 -33.09 0.56
CA LYS C 130 5.60 -32.59 1.25
C LYS C 130 5.36 -31.27 1.94
N LEU C 131 4.55 -30.40 1.33
CA LEU C 131 4.26 -29.10 1.99
C LEU C 131 3.35 -29.33 3.18
N PHE C 132 2.45 -30.32 3.09
CA PHE C 132 1.63 -30.64 4.29
C PHE C 132 2.49 -31.15 5.43
N GLU C 133 3.50 -31.96 5.09
CA GLU C 133 4.41 -32.49 6.12
C GLU C 133 5.24 -31.36 6.76
N ARG C 134 5.66 -30.41 5.95
CA ARG C 134 6.42 -29.25 6.45
C ARG C 134 5.60 -28.43 7.42
N ILE C 135 4.34 -28.14 7.05
CA ILE C 135 3.43 -27.45 7.99
C ILE C 135 3.21 -28.24 9.23
N TYR C 136 2.92 -29.53 9.12
CA TYR C 136 2.73 -30.42 10.24
C TYR C 136 3.96 -30.55 11.15
N SER C 137 5.15 -30.34 10.62
CA SER C 137 6.37 -30.42 11.41
C SER C 137 6.51 -29.30 12.41
N THR C 138 5.73 -28.23 12.32
CA THR C 138 5.73 -27.15 13.27
C THR C 138 4.59 -27.33 14.26
N ASP C 139 4.77 -26.78 15.48
CA ASP C 139 3.71 -26.87 16.48
C ASP C 139 2.45 -26.14 15.97
N LEU C 140 2.64 -24.94 15.43
CA LEU C 140 1.54 -24.18 14.87
C LEU C 140 0.82 -24.91 13.76
N GLY C 141 1.52 -25.54 12.84
CA GLY C 141 0.95 -26.30 11.74
C GLY C 141 0.18 -27.51 12.20
N ARG C 142 0.71 -28.24 13.18
CA ARG C 142 0.02 -29.39 13.74
C ARG C 142 -1.30 -28.98 14.36
N MET C 143 -1.33 -27.86 15.06
CA MET C 143 -2.56 -27.32 15.62
C MET C 143 -3.54 -26.93 14.51
N LEU C 144 -3.08 -26.15 13.53
CA LEU C 144 -3.92 -25.70 12.43
C LEU C 144 -4.57 -26.89 11.73
N LEU C 145 -3.77 -27.93 11.45
CA LEU C 145 -4.29 -29.09 10.72
C LEU C 145 -5.27 -29.87 11.57
N THR C 146 -5.06 -29.97 12.85
CA THR C 146 -6.02 -30.58 13.78
C THR C 146 -7.33 -29.78 13.79
N SER C 147 -7.24 -28.45 13.90
CA SER C 147 -8.47 -27.64 13.82
C SER C 147 -9.20 -27.86 12.51
N ILE C 148 -8.52 -27.91 11.38
CA ILE C 148 -9.13 -28.20 10.08
C ILE C 148 -9.83 -29.55 10.05
N VAL C 149 -9.19 -30.57 10.60
CA VAL C 149 -9.87 -31.92 10.60
C VAL C 149 -11.09 -31.90 11.46
N ARG C 150 -11.06 -31.19 12.60
CA ARG C 150 -12.21 -31.17 13.51
C ARG C 150 -13.31 -30.23 12.96
N GLY C 151 -12.98 -29.39 12.00
CA GLY C 151 -13.94 -28.43 11.46
C GLY C 151 -14.92 -28.95 10.46
N ILE C 152 -15.64 -30.01 10.78
CA ILE C 152 -16.58 -30.63 9.83
C ILE C 152 -17.73 -29.65 9.57
N PRO C 153 -18.07 -29.42 8.32
CA PRO C 153 -19.19 -28.54 7.98
C PRO C 153 -20.46 -28.96 8.73
N PHE C 154 -21.14 -27.97 9.33
CA PHE C 154 -22.33 -28.25 10.12
C PHE C 154 -23.41 -28.94 9.31
N TRP C 155 -24.14 -29.82 10.00
CA TRP C 155 -25.31 -30.49 9.39
C TRP C 155 -26.51 -29.56 9.55
N GLY C 156 -26.52 -28.49 8.75
CA GLY C 156 -27.59 -27.52 8.81
C GLY C 156 -28.54 -27.60 7.65
N GLY C 157 -28.78 -28.78 7.06
CA GLY C 157 -29.54 -28.91 5.86
C GLY C 157 -31.04 -29.06 6.12
N SER C 158 -31.42 -29.31 7.36
CA SER C 158 -32.84 -29.63 7.63
C SER C 158 -33.73 -28.40 7.56
N THR C 159 -34.90 -28.53 6.95
CA THR C 159 -35.93 -27.49 7.07
C THR C 159 -36.93 -27.84 8.18
N ILE C 160 -36.65 -28.89 8.90
CA ILE C 160 -37.44 -29.36 10.04
C ILE C 160 -36.63 -29.32 11.31
N ASP C 161 -37.03 -28.48 12.27
CA ASP C 161 -36.20 -28.24 13.44
C ASP C 161 -35.95 -29.43 14.31
N THR C 162 -36.82 -30.45 14.32
CA THR C 162 -36.54 -31.63 15.14
C THR C 162 -35.61 -32.64 14.50
N GLU C 163 -35.14 -32.38 13.27
CA GLU C 163 -34.34 -33.37 12.55
C GLU C 163 -32.99 -32.73 12.14
N LEU C 164 -31.93 -33.49 12.29
CA LEU C 164 -30.62 -32.98 11.84
C LEU C 164 -30.29 -33.61 10.49
N LYS C 165 -29.85 -32.79 9.53
CA LYS C 165 -29.64 -33.31 8.17
C LYS C 165 -28.37 -32.73 7.54
N VAL C 166 -27.66 -33.55 6.82
CA VAL C 166 -26.40 -33.09 6.18
C VAL C 166 -26.71 -32.08 5.09
N ILE C 167 -25.74 -31.25 4.75
CA ILE C 167 -25.84 -30.41 3.53
C ILE C 167 -25.03 -31.13 2.47
N ASP C 168 -25.69 -31.71 1.47
CA ASP C 168 -25.09 -32.71 0.62
C ASP C 168 -24.03 -32.17 -0.33
N THR C 169 -23.79 -30.89 -0.37
CA THR C 169 -22.70 -30.31 -1.11
C THR C 169 -21.41 -30.30 -0.30
N ASN C 170 -21.43 -30.74 0.95
CA ASN C 170 -20.22 -30.86 1.76
C ASN C 170 -19.65 -32.28 1.64
N CYS C 171 -19.76 -32.84 0.43
CA CYS C 171 -19.39 -34.24 0.20
C CYS C 171 -18.74 -34.38 -1.18
N ILE C 172 -18.16 -35.55 -1.45
CA ILE C 172 -17.72 -35.89 -2.78
C ILE C 172 -18.19 -37.35 -3.06
N ASN C 173 -18.36 -37.63 -4.33
CA ASN C 173 -18.84 -39.00 -4.69
C ASN C 173 -17.60 -39.85 -5.03
N VAL C 174 -17.36 -40.84 -4.18
CA VAL C 174 -16.15 -41.66 -4.25
C VAL C 174 -16.45 -42.98 -4.96
N ILE C 175 -15.88 -43.15 -6.12
CA ILE C 175 -16.14 -44.38 -6.92
C ILE C 175 -15.40 -45.54 -6.28
N GLN C 176 -16.13 -46.66 -6.12
CA GLN C 176 -15.52 -47.83 -5.46
C GLN C 176 -14.96 -48.79 -6.51
N PRO C 177 -14.20 -49.77 -6.08
CA PRO C 177 -13.66 -50.80 -7.00
C PRO C 177 -14.70 -51.46 -7.82
N ASP C 178 -15.91 -51.74 -7.28
CA ASP C 178 -16.98 -52.34 -8.03
C ASP C 178 -17.75 -51.44 -8.94
N GLY C 179 -17.37 -50.15 -9.04
CA GLY C 179 -18.10 -49.25 -9.93
C GLY C 179 -19.19 -48.46 -9.24
N SER C 180 -19.58 -48.83 -8.03
CA SER C 180 -20.60 -48.07 -7.30
C SER C 180 -19.94 -46.75 -6.81
N TYR C 181 -20.76 -45.94 -6.17
CA TYR C 181 -20.17 -44.80 -5.47
C TYR C 181 -20.75 -44.63 -4.08
N ARG C 182 -20.02 -43.86 -3.29
CA ARG C 182 -20.41 -43.61 -1.89
C ARG C 182 -20.27 -42.06 -1.70
N SER C 183 -21.30 -41.47 -1.19
CA SER C 183 -21.21 -40.00 -0.90
C SER C 183 -20.45 -39.85 0.39
N GLU C 184 -19.32 -39.13 0.38
CA GLU C 184 -18.51 -39.09 1.61
C GLU C 184 -18.31 -37.61 2.00
N GLU C 185 -18.56 -37.33 3.26
CA GLU C 185 -18.26 -35.94 3.74
C GLU C 185 -16.75 -35.71 3.72
N LEU C 186 -16.36 -34.45 3.44
CA LEU C 186 -14.94 -34.10 3.55
C LEU C 186 -14.86 -32.61 3.94
N ASN C 187 -13.67 -32.18 4.33
CA ASN C 187 -13.53 -30.80 4.81
C ASN C 187 -12.81 -29.96 3.76
N LEU C 188 -11.82 -30.61 3.13
CA LEU C 188 -10.87 -29.81 2.31
C LEU C 188 -10.40 -30.59 1.10
N VAL C 189 -10.28 -29.88 -0.02
CA VAL C 189 -9.70 -30.48 -1.24
C VAL C 189 -8.59 -29.52 -1.74
N ILE C 190 -7.42 -30.05 -1.98
CA ILE C 190 -6.37 -29.22 -2.66
C ILE C 190 -6.42 -29.65 -4.13
N ILE C 191 -6.58 -28.67 -5.02
CA ILE C 191 -6.77 -28.97 -6.44
C ILE C 191 -5.89 -28.02 -7.25
N GLY C 192 -5.54 -28.42 -8.44
CA GLY C 192 -4.64 -27.59 -9.30
C GLY C 192 -5.35 -26.32 -9.69
N PRO C 193 -4.56 -25.31 -10.14
CA PRO C 193 -5.12 -24.06 -10.58
C PRO C 193 -6.01 -24.18 -11.78
N SER C 194 -6.85 -23.15 -11.98
CA SER C 194 -7.67 -23.03 -13.17
C SER C 194 -6.85 -22.41 -14.31
N ALA C 195 -7.49 -21.61 -15.18
CA ALA C 195 -6.76 -21.08 -16.35
C ALA C 195 -5.50 -20.36 -15.97
N ASP C 196 -5.58 -19.42 -15.04
CA ASP C 196 -4.37 -18.72 -14.55
C ASP C 196 -3.61 -19.65 -13.60
N ILE C 197 -2.48 -20.17 -14.02
CA ILE C 197 -1.76 -21.17 -13.26
C ILE C 197 -1.16 -20.70 -11.98
N ILE C 198 -0.89 -19.40 -11.85
CA ILE C 198 -0.28 -18.86 -10.66
C ILE C 198 -1.27 -18.18 -9.73
N GLN C 199 -2.57 -18.37 -9.97
CA GLN C 199 -3.59 -17.82 -9.09
C GLN C 199 -3.99 -18.86 -8.04
N PHE C 200 -3.60 -18.62 -6.81
CA PHE C 200 -3.96 -19.51 -5.69
C PHE C 200 -5.09 -18.91 -4.89
N GLU C 201 -6.01 -19.76 -4.37
CA GLU C 201 -7.10 -19.22 -3.57
C GLU C 201 -7.84 -20.36 -2.85
N CYS C 202 -8.54 -19.93 -1.82
CA CYS C 202 -9.44 -20.87 -1.12
C CYS C 202 -10.88 -20.47 -1.42
N LYS C 203 -11.66 -21.43 -1.94
CA LYS C 203 -13.03 -21.07 -2.38
C LYS C 203 -13.99 -22.20 -2.01
N SER C 204 -15.27 -21.89 -2.01
CA SER C 204 -16.30 -22.96 -1.99
C SER C 204 -16.52 -23.39 -3.44
N PHE C 205 -17.33 -24.43 -3.64
CA PHE C 205 -17.77 -24.73 -5.02
C PHE C 205 -18.68 -23.56 -5.44
N GLY C 206 -18.49 -23.01 -6.62
CA GLY C 206 -19.35 -21.88 -7.06
C GLY C 206 -19.19 -20.72 -6.08
N HIS C 207 -20.29 -20.11 -5.65
CA HIS C 207 -20.20 -19.06 -4.64
C HIS C 207 -21.01 -19.43 -3.40
N ASP C 208 -20.63 -18.90 -2.26
CA ASP C 208 -21.27 -19.22 -0.99
C ASP C 208 -22.59 -18.46 -0.83
N VAL C 209 -23.60 -18.91 -1.57
CA VAL C 209 -24.90 -18.25 -1.59
C VAL C 209 -25.72 -18.50 -0.34
N LEU C 210 -25.42 -19.54 0.42
CA LEU C 210 -26.12 -19.77 1.68
C LEU C 210 -25.34 -19.17 2.85
N ASN C 211 -24.21 -18.52 2.59
CA ASN C 211 -23.39 -17.89 3.59
C ASN C 211 -22.89 -18.87 4.68
N LEU C 212 -22.64 -20.10 4.28
CA LEU C 212 -22.18 -21.14 5.20
C LEU C 212 -20.78 -20.81 5.75
N THR C 213 -19.97 -20.08 4.94
CA THR C 213 -18.62 -19.75 5.43
C THR C 213 -18.64 -18.59 6.44
N ARG C 214 -19.75 -17.95 6.66
CA ARG C 214 -19.82 -16.75 7.48
C ARG C 214 -21.03 -16.78 8.45
N ASN C 215 -21.59 -17.95 8.69
CA ASN C 215 -22.79 -18.02 9.55
C ASN C 215 -22.60 -19.08 10.64
N GLY C 216 -21.34 -19.43 10.87
CA GLY C 216 -21.01 -20.46 11.85
C GLY C 216 -21.14 -21.89 11.37
N TYR C 217 -21.62 -22.18 10.19
CA TYR C 217 -21.82 -23.60 9.80
C TYR C 217 -20.53 -24.20 9.21
N GLY C 218 -20.00 -23.50 8.22
CA GLY C 218 -18.82 -23.97 7.51
C GLY C 218 -19.25 -24.80 6.30
N SER C 219 -18.36 -24.94 5.32
CA SER C 219 -18.62 -25.75 4.16
C SER C 219 -17.30 -26.28 3.56
N THR C 220 -17.40 -27.31 2.75
CA THR C 220 -16.22 -27.92 2.15
C THR C 220 -15.45 -26.91 1.32
N GLN C 221 -14.14 -26.81 1.58
CA GLN C 221 -13.35 -25.81 0.84
C GLN C 221 -12.45 -26.46 -0.19
N TYR C 222 -12.19 -25.73 -1.26
CA TYR C 222 -11.30 -26.13 -2.32
C TYR C 222 -10.13 -25.10 -2.40
N ILE C 223 -8.92 -25.58 -2.22
CA ILE C 223 -7.77 -24.66 -2.35
C ILE C 223 -7.13 -24.89 -3.72
N ARG C 224 -7.23 -23.88 -4.59
CA ARG C 224 -6.54 -23.94 -5.88
C ARG C 224 -5.07 -23.55 -5.63
N PHE C 225 -4.19 -24.46 -5.89
CA PHE C 225 -2.78 -24.32 -5.48
C PHE C 225 -1.87 -25.12 -6.40
N SER C 226 -0.64 -24.62 -6.58
CA SER C 226 0.39 -25.40 -7.29
C SER C 226 1.68 -25.31 -6.52
N PRO C 227 2.28 -26.44 -6.15
CA PRO C 227 3.59 -26.47 -5.55
C PRO C 227 4.71 -26.30 -6.60
N ASP C 228 4.38 -26.05 -7.84
CA ASP C 228 5.35 -25.95 -8.92
C ASP C 228 5.79 -24.56 -9.25
N PHE C 229 5.15 -23.55 -8.72
CA PHE C 229 5.48 -22.14 -8.99
C PHE C 229 5.46 -21.35 -7.70
N THR C 230 6.20 -20.25 -7.63
CA THR C 230 6.15 -19.38 -6.46
C THR C 230 6.55 -17.96 -6.88
N PHE C 231 5.98 -16.97 -6.20
CA PHE C 231 6.23 -15.59 -6.48
C PHE C 231 7.52 -15.09 -5.82
N GLY C 232 8.12 -14.09 -6.47
CA GLY C 232 9.32 -13.46 -5.91
C GLY C 232 8.92 -12.15 -5.25
N PHE C 233 9.77 -11.64 -4.38
CA PHE C 233 9.55 -10.30 -3.80
C PHE C 233 10.94 -9.69 -3.52
N GLU C 234 10.96 -8.36 -3.43
CA GLU C 234 12.25 -7.68 -3.22
C GLU C 234 12.38 -7.25 -1.77
N GLU C 235 13.60 -7.36 -1.26
CA GLU C 235 13.80 -7.17 0.18
C GLU C 235 15.23 -6.76 0.52
N SER C 236 15.38 -6.02 1.61
CA SER C 236 16.66 -5.60 2.12
C SER C 236 17.41 -4.68 1.16
N LEU C 245 21.33 -1.73 -5.37
CA LEU C 245 22.46 -2.63 -5.51
C LEU C 245 22.40 -3.79 -4.50
N GLY C 246 21.85 -3.55 -3.33
CA GLY C 246 21.85 -4.56 -2.28
C GLY C 246 20.48 -5.18 -2.05
N ALA C 247 19.56 -4.95 -2.97
CA ALA C 247 18.20 -5.49 -2.83
C ALA C 247 18.18 -6.97 -3.21
N GLY C 248 17.99 -7.83 -2.23
CA GLY C 248 17.94 -9.27 -2.49
C GLY C 248 16.65 -9.61 -3.27
N LYS C 249 16.76 -10.56 -4.17
CA LYS C 249 15.61 -11.03 -4.96
C LYS C 249 15.20 -12.40 -4.38
N PHE C 250 14.14 -12.43 -3.57
CA PHE C 250 13.79 -13.64 -2.87
C PHE C 250 12.47 -14.27 -3.37
N ALA C 251 12.32 -15.52 -2.97
CA ALA C 251 11.10 -16.27 -3.41
C ALA C 251 10.31 -16.66 -2.18
N THR C 252 8.99 -16.59 -2.31
CA THR C 252 8.13 -17.04 -1.19
C THR C 252 8.20 -18.54 -1.03
N ASP C 253 8.39 -19.00 0.21
CA ASP C 253 8.39 -20.45 0.47
C ASP C 253 6.93 -20.93 0.30
N PRO C 254 6.70 -21.85 -0.62
CA PRO C 254 5.36 -22.38 -0.87
C PRO C 254 4.66 -22.92 0.34
N ALA C 255 5.33 -23.36 1.39
CA ALA C 255 4.67 -23.82 2.60
C ALA C 255 3.92 -22.67 3.26
N VAL C 256 4.48 -21.46 3.22
CA VAL C 256 3.84 -20.26 3.73
C VAL C 256 2.58 -19.93 2.93
N THR C 257 2.63 -19.96 1.63
CA THR C 257 1.48 -19.77 0.75
C THR C 257 0.40 -20.81 1.10
N LEU C 258 0.81 -22.09 1.14
CA LEU C 258 -0.17 -23.14 1.51
C LEU C 258 -0.76 -22.84 2.87
N ALA C 259 0.03 -22.46 3.87
CA ALA C 259 -0.48 -22.11 5.19
C ALA C 259 -1.51 -20.98 5.15
N HIS C 260 -1.23 -19.96 4.38
CA HIS C 260 -2.20 -18.85 4.20
C HIS C 260 -3.54 -19.34 3.66
N GLU C 261 -3.52 -20.24 2.70
CA GLU C 261 -4.76 -20.81 2.15
C GLU C 261 -5.45 -21.72 3.16
N LEU C 262 -4.69 -22.43 3.95
CA LEU C 262 -5.27 -23.29 5.02
C LEU C 262 -5.91 -22.46 6.11
N ILE C 263 -5.41 -21.25 6.32
CA ILE C 263 -5.96 -20.33 7.28
C ILE C 263 -7.33 -19.82 6.75
N HIS C 264 -7.38 -19.49 5.49
CA HIS C 264 -8.70 -19.16 4.90
C HIS C 264 -9.65 -20.35 5.08
N ALA C 265 -9.10 -21.54 4.72
CA ALA C 265 -9.99 -22.73 4.82
C ALA C 265 -10.52 -22.90 6.22
N GLU C 266 -9.70 -22.78 7.27
CA GLU C 266 -10.25 -22.96 8.61
C GLU C 266 -11.26 -21.90 8.97
N HIS C 267 -11.05 -20.63 8.58
CA HIS C 267 -12.12 -19.64 8.80
C HIS C 267 -13.42 -20.10 8.15
N ARG C 268 -13.35 -20.53 6.89
CA ARG C 268 -14.50 -20.88 6.10
C ARG C 268 -15.15 -22.17 6.61
N LEU C 269 -14.37 -23.08 7.18
CA LEU C 269 -14.90 -24.32 7.75
C LEU C 269 -15.56 -24.12 9.09
N TYR C 270 -15.15 -23.13 9.85
CA TYR C 270 -15.80 -22.81 11.12
C TYR C 270 -16.88 -21.76 10.93
N GLY C 271 -17.09 -21.28 9.72
CA GLY C 271 -18.16 -20.34 9.40
C GLY C 271 -17.89 -18.97 10.04
N ILE C 272 -16.61 -18.63 10.17
CA ILE C 272 -16.27 -17.33 10.81
C ILE C 272 -15.44 -16.49 9.83
N ALA C 273 -15.45 -16.90 8.56
CA ALA C 273 -14.83 -16.06 7.53
C ALA C 273 -15.65 -14.77 7.38
N ILE C 274 -14.93 -13.75 6.92
CA ILE C 274 -15.57 -12.50 6.49
C ILE C 274 -15.59 -12.44 4.99
N ASN C 275 -16.66 -11.93 4.41
CA ASN C 275 -16.77 -11.92 2.94
C ASN C 275 -15.55 -11.24 2.32
N PRO C 276 -14.99 -11.85 1.30
CA PRO C 276 -13.83 -11.30 0.59
C PRO C 276 -14.19 -10.00 -0.12
N ASN C 277 -15.49 -9.75 -0.35
CA ASN C 277 -15.89 -8.49 -0.98
C ASN C 277 -15.90 -7.34 0.03
N ARG C 278 -15.74 -7.64 1.29
CA ARG C 278 -15.76 -6.60 2.35
C ARG C 278 -14.39 -5.93 2.48
N VAL C 279 -14.28 -4.81 1.78
CA VAL C 279 -13.05 -4.05 1.69
C VAL C 279 -13.29 -2.64 2.24
N PHE C 280 -12.24 -2.02 2.74
CA PHE C 280 -12.39 -0.64 3.25
C PHE C 280 -11.17 0.18 2.84
N LYS C 281 -11.36 1.50 2.81
CA LYS C 281 -10.24 2.40 2.44
C LYS C 281 -9.51 2.90 3.64
N VAL C 282 -8.17 2.95 3.58
CA VAL C 282 -7.35 3.60 4.62
C VAL C 282 -6.62 4.78 3.95
N ASN C 283 -6.99 6.00 4.33
CA ASN C 283 -6.34 7.15 3.67
C ASN C 283 -4.93 7.36 4.17
N THR C 284 -4.06 7.88 3.28
CA THR C 284 -2.68 8.18 3.67
C THR C 284 -2.60 9.53 4.40
N ASN C 285 -1.53 9.76 5.12
CA ASN C 285 -1.16 11.10 5.62
C ASN C 285 -0.63 11.89 4.39
N ALA C 286 -1.49 12.67 3.78
CA ALA C 286 -1.08 13.37 2.54
C ALA C 286 -0.04 14.46 2.83
N TYR C 287 0.81 14.71 1.85
CA TYR C 287 1.82 15.83 1.99
C TYR C 287 2.28 16.15 0.62
N TYR D 1 -13.54 13.89 -4.33
CA TYR D 1 -12.09 13.87 -4.52
C TYR D 1 -11.47 12.74 -3.71
N GLU D 2 -10.97 11.73 -4.41
CA GLU D 2 -10.42 10.53 -3.80
C GLU D 2 -9.01 10.75 -3.27
N MET D 3 -8.71 10.23 -2.09
CA MET D 3 -7.41 10.34 -1.46
C MET D 3 -6.54 9.16 -1.91
N SER D 4 -5.24 9.27 -1.73
CA SER D 4 -4.36 8.09 -1.87
C SER D 4 -4.52 7.22 -0.63
N GLY D 5 -4.11 5.93 -0.74
CA GLY D 5 -4.19 5.08 0.46
C GLY D 5 -4.30 3.61 0.04
N LEU D 6 -4.81 2.83 1.00
CA LEU D 6 -4.91 1.36 0.72
C LEU D 6 -6.40 1.01 0.58
N GLU D 7 -6.66 0.00 -0.21
CA GLU D 7 -7.96 -0.66 -0.23
C GLU D 7 -7.74 -2.09 0.29
N VAL D 8 -8.23 -2.39 1.49
CA VAL D 8 -7.85 -3.62 2.15
C VAL D 8 -9.08 -4.43 2.60
N SER D 9 -8.85 -5.74 2.73
CA SER D 9 -10.00 -6.62 3.09
C SER D 9 -9.82 -7.12 4.50
N PHE D 10 -10.91 -7.16 5.28
CA PHE D 10 -10.89 -7.68 6.64
C PHE D 10 -10.36 -9.14 6.63
N GLU D 11 -10.89 -9.93 5.73
CA GLU D 11 -10.50 -11.38 5.72
C GLU D 11 -9.02 -11.51 5.48
N GLU D 12 -8.48 -10.79 4.50
CA GLU D 12 -7.04 -10.88 4.21
C GLU D 12 -6.19 -10.37 5.37
N LEU D 13 -6.55 -9.23 5.97
CA LEU D 13 -5.81 -8.64 7.04
C LEU D 13 -5.73 -9.56 8.25
N ARG D 14 -6.85 -10.20 8.59
CA ARG D 14 -6.87 -11.14 9.69
C ARG D 14 -6.12 -12.42 9.39
N THR D 15 -6.16 -12.89 8.15
CA THR D 15 -5.42 -14.11 7.73
C THR D 15 -3.92 -13.88 7.76
N PHE D 16 -3.47 -12.70 7.29
CA PHE D 16 -2.03 -12.42 7.27
C PHE D 16 -1.49 -12.10 8.65
N GLY D 17 -2.25 -11.31 9.42
CA GLY D 17 -1.87 -11.01 10.79
C GLY D 17 -0.71 -9.98 10.79
N GLY D 18 0.15 -10.13 11.77
CA GLY D 18 1.29 -9.23 11.95
C GLY D 18 0.80 -7.79 12.01
N HIS D 19 1.54 -6.92 11.37
CA HIS D 19 1.33 -5.49 11.39
C HIS D 19 0.04 -5.03 10.78
N ASP D 20 -0.39 -5.70 9.72
CA ASP D 20 -1.59 -5.35 8.99
C ASP D 20 -2.88 -5.54 9.80
N ALA D 21 -2.86 -6.48 10.74
CA ALA D 21 -4.06 -6.71 11.58
C ALA D 21 -4.44 -5.48 12.37
N LYS D 22 -3.53 -4.57 12.60
CA LYS D 22 -3.76 -3.29 13.25
C LYS D 22 -4.61 -2.33 12.47
N PHE D 23 -4.84 -2.57 11.17
CA PHE D 23 -5.68 -1.72 10.36
C PHE D 23 -7.16 -1.94 10.67
N ILE D 24 -7.47 -3.07 11.33
CA ILE D 24 -8.85 -3.31 11.80
C ILE D 24 -8.97 -2.72 13.21
N ASP D 25 -9.85 -1.77 13.40
CA ASP D 25 -9.95 -1.08 14.69
C ASP D 25 -10.64 -1.97 15.72
N SER D 26 -10.38 -1.71 16.99
CA SER D 26 -10.91 -2.46 18.10
C SER D 26 -12.42 -2.64 18.02
N LEU D 27 -13.13 -1.58 17.69
CA LEU D 27 -14.57 -1.63 17.55
C LEU D 27 -14.99 -2.71 16.56
N GLN D 28 -14.44 -2.65 15.35
CA GLN D 28 -14.81 -3.62 14.31
C GLN D 28 -14.43 -5.03 14.74
N GLU D 29 -13.30 -5.21 15.38
CA GLU D 29 -12.87 -6.51 15.88
C GLU D 29 -13.88 -7.08 16.87
N ASN D 30 -14.34 -6.22 17.78
CA ASN D 30 -15.34 -6.62 18.75
C ASN D 30 -16.67 -6.90 18.10
N GLU D 31 -17.07 -6.13 17.10
CA GLU D 31 -18.32 -6.36 16.43
C GLU D 31 -18.29 -7.71 15.68
N PHE D 32 -17.14 -8.00 15.05
CA PHE D 32 -17.08 -9.35 14.37
C PHE D 32 -17.15 -10.45 15.38
N ARG D 33 -16.45 -10.38 16.50
CA ARG D 33 -16.41 -11.42 17.51
C ARG D 33 -17.79 -11.68 18.11
N LEU D 34 -18.54 -10.62 18.36
CA LEU D 34 -19.88 -10.80 18.94
C LEU D 34 -20.80 -11.47 17.93
N TYR D 35 -20.70 -11.05 16.67
CA TYR D 35 -21.46 -11.61 15.58
C TYR D 35 -21.22 -13.13 15.46
N TYR D 36 -19.98 -13.57 15.58
CA TYR D 36 -19.68 -15.01 15.38
C TYR D 36 -19.99 -15.80 16.61
N TYR D 37 -19.91 -15.14 17.78
CA TYR D 37 -20.36 -15.74 19.03
C TYR D 37 -21.88 -16.00 18.94
N ASN D 38 -22.64 -15.07 18.40
CA ASN D 38 -24.07 -15.27 18.20
C ASN D 38 -24.34 -16.38 17.17
N LYS D 39 -23.48 -16.48 16.17
CA LYS D 39 -23.67 -17.60 15.19
C LYS D 39 -23.43 -18.94 15.85
N PHE D 40 -22.45 -19.04 16.73
CA PHE D 40 -22.17 -20.25 17.48
C PHE D 40 -23.35 -20.60 18.38
N LYS D 41 -23.96 -19.57 19.03
CA LYS D 41 -25.16 -19.85 19.82
C LYS D 41 -26.29 -20.38 18.99
N ASP D 42 -26.46 -19.89 17.76
CA ASP D 42 -27.47 -20.41 16.86
C ASP D 42 -27.21 -21.86 16.47
N VAL D 43 -25.95 -22.24 16.32
CA VAL D 43 -25.63 -23.67 16.07
C VAL D 43 -25.99 -24.52 17.27
N ALA D 44 -25.65 -24.06 18.47
CA ALA D 44 -25.96 -24.80 19.69
C ALA D 44 -27.48 -24.97 19.85
N SER D 45 -28.21 -23.91 19.55
CA SER D 45 -29.67 -23.96 19.61
C SER D 45 -30.26 -24.93 18.59
N THR D 46 -29.71 -24.96 17.39
CA THR D 46 -30.16 -25.86 16.33
C THR D 46 -29.92 -27.30 16.73
N LEU D 47 -28.73 -27.57 17.30
CA LEU D 47 -28.45 -28.90 17.84
C LEU D 47 -29.43 -29.28 18.94
N ASN D 48 -29.74 -28.34 19.86
CA ASN D 48 -30.65 -28.72 20.97
C ASN D 48 -32.05 -29.03 20.50
N LYS D 49 -32.51 -28.41 19.43
CA LYS D 49 -33.85 -28.71 18.90
C LYS D 49 -33.93 -30.06 18.20
N ALA D 50 -32.82 -30.53 17.65
CA ALA D 50 -32.78 -31.76 16.90
C ALA D 50 -32.90 -32.99 17.80
N LYS D 51 -33.93 -33.80 17.53
CA LYS D 51 -34.18 -34.98 18.34
C LYS D 51 -34.05 -36.27 17.54
N SER D 52 -33.89 -36.17 16.24
CA SER D 52 -33.68 -37.30 15.36
C SER D 52 -32.69 -36.91 14.26
N ILE D 53 -32.27 -37.92 13.49
CA ILE D 53 -31.30 -37.62 12.42
C ILE D 53 -31.81 -38.19 11.12
N ILE D 54 -31.52 -37.53 10.02
CA ILE D 54 -31.89 -37.99 8.69
C ILE D 54 -30.78 -38.83 8.08
N GLY D 55 -31.15 -39.93 7.44
CA GLY D 55 -30.13 -40.73 6.73
C GLY D 55 -29.62 -41.84 7.63
N THR D 56 -28.76 -42.70 7.09
CA THR D 56 -28.22 -43.81 7.85
C THR D 56 -26.71 -43.76 7.96
N THR D 57 -26.09 -42.62 7.64
CA THR D 57 -24.62 -42.57 7.68
C THR D 57 -24.08 -42.35 9.07
N ALA D 58 -24.88 -41.79 9.99
CA ALA D 58 -24.40 -41.58 11.35
C ALA D 58 -25.56 -41.51 12.35
N SER D 59 -25.26 -41.70 13.63
CA SER D 59 -26.33 -41.58 14.64
C SER D 59 -26.38 -40.10 15.10
N LEU D 60 -27.46 -39.72 15.74
CA LEU D 60 -27.58 -38.34 16.25
C LEU D 60 -26.61 -38.06 17.37
N GLN D 61 -26.37 -39.10 18.23
CA GLN D 61 -25.39 -38.90 19.31
C GLN D 61 -23.98 -38.65 18.75
N TYR D 62 -23.60 -39.38 17.71
CA TYR D 62 -22.29 -39.20 17.09
C TYR D 62 -22.16 -37.77 16.52
N MET D 63 -23.19 -37.38 15.76
CA MET D 63 -23.13 -36.02 15.16
C MET D 63 -23.11 -34.95 16.21
N LYS D 64 -23.93 -35.05 17.25
CA LYS D 64 -23.87 -34.04 18.33
C LYS D 64 -22.52 -33.96 18.98
N ASN D 65 -21.85 -35.09 19.21
CA ASN D 65 -20.53 -35.12 19.80
C ASN D 65 -19.49 -34.44 18.88
N VAL D 66 -19.56 -34.74 17.58
CA VAL D 66 -18.63 -34.11 16.66
C VAL D 66 -18.79 -32.58 16.69
N PHE D 67 -20.03 -32.09 16.77
CA PHE D 67 -20.18 -30.61 16.76
C PHE D 67 -19.91 -30.02 18.13
N LYS D 68 -20.09 -30.81 19.20
CA LYS D 68 -19.67 -30.35 20.54
C LYS D 68 -18.13 -30.16 20.53
N GLU D 69 -17.45 -31.09 19.88
CA GLU D 69 -15.99 -30.97 19.75
C GLU D 69 -15.58 -29.85 18.80
N LYS D 70 -16.26 -29.70 17.68
CA LYS D 70 -15.91 -28.63 16.73
C LYS D 70 -16.00 -27.26 17.40
N TYR D 71 -17.15 -26.97 18.02
CA TYR D 71 -17.42 -25.62 18.51
C TYR D 71 -17.09 -25.46 19.99
N LEU D 72 -16.50 -26.48 20.59
CA LEU D 72 -16.17 -26.51 22.01
C LEU D 72 -17.36 -26.12 22.86
N LEU D 73 -18.51 -26.76 22.60
CA LEU D 73 -19.73 -26.45 23.34
C LEU D 73 -19.68 -27.03 24.75
N SER D 74 -20.31 -26.36 25.70
CA SER D 74 -20.51 -26.95 27.03
C SER D 74 -21.83 -27.75 26.97
N GLU D 75 -21.91 -28.83 27.70
CA GLU D 75 -23.05 -29.72 27.71
C GLU D 75 -23.49 -30.01 29.14
N ASP D 76 -24.71 -29.62 29.48
CA ASP D 76 -25.21 -29.88 30.85
C ASP D 76 -25.61 -31.32 31.01
N THR D 77 -26.07 -31.73 32.22
CA THR D 77 -26.36 -33.11 32.51
C THR D 77 -27.54 -33.64 31.72
N SER D 78 -28.42 -32.76 31.23
CA SER D 78 -29.52 -33.15 30.38
C SER D 78 -29.18 -33.22 28.91
N GLY D 79 -27.94 -32.92 28.53
CA GLY D 79 -27.52 -33.02 27.13
C GLY D 79 -27.74 -31.73 26.37
N LYS D 80 -28.04 -30.65 27.07
CA LYS D 80 -28.26 -29.37 26.39
C LYS D 80 -26.94 -28.65 26.14
N PHE D 81 -26.74 -28.16 24.93
CA PHE D 81 -25.53 -27.41 24.63
C PHE D 81 -25.72 -25.91 24.89
N SER D 82 -24.59 -25.27 25.20
CA SER D 82 -24.51 -23.83 25.25
C SER D 82 -23.09 -23.41 24.80
N VAL D 83 -22.91 -22.15 24.51
CA VAL D 83 -21.57 -21.64 24.16
C VAL D 83 -20.99 -20.91 25.38
N ASP D 84 -19.86 -21.37 25.87
CA ASP D 84 -19.23 -20.67 27.01
C ASP D 84 -18.42 -19.49 26.46
N LYS D 85 -18.66 -18.29 26.98
CA LYS D 85 -18.02 -17.10 26.48
C LYS D 85 -16.51 -17.16 26.49
N LEU D 86 -15.91 -17.71 27.53
CA LEU D 86 -14.45 -17.76 27.60
C LEU D 86 -13.87 -18.83 26.71
N LYS D 87 -14.59 -19.95 26.55
CA LYS D 87 -14.11 -20.98 25.62
C LYS D 87 -14.23 -20.46 24.19
N PHE D 88 -15.28 -19.68 23.94
CA PHE D 88 -15.45 -19.13 22.60
C PHE D 88 -14.33 -18.16 22.28
N ASP D 89 -14.09 -17.24 23.23
CA ASP D 89 -13.04 -16.24 23.00
C ASP D 89 -11.70 -16.89 22.73
N LYS D 90 -11.32 -17.93 23.47
CA LYS D 90 -10.04 -18.60 23.25
C LYS D 90 -9.99 -19.26 21.85
N LEU D 91 -11.06 -19.97 21.52
CA LEU D 91 -11.15 -20.59 20.19
C LEU D 91 -11.15 -19.54 19.09
N TYR D 92 -11.97 -18.50 19.20
CA TYR D 92 -11.99 -17.43 18.18
C TYR D 92 -10.62 -16.79 18.03
N LYS D 93 -9.90 -16.62 19.13
CA LYS D 93 -8.54 -16.04 19.08
C LYS D 93 -7.57 -16.98 18.38
N MET D 94 -7.55 -18.25 18.73
CA MET D 94 -6.76 -19.25 18.05
C MET D 94 -6.98 -19.19 16.54
N LEU D 95 -8.24 -19.23 16.13
CA LEU D 95 -8.57 -19.31 14.71
C LEU D 95 -8.31 -18.03 13.95
N THR D 96 -8.34 -16.86 14.60
CA THR D 96 -8.23 -15.62 13.83
C THR D 96 -7.00 -14.82 14.17
N GLU D 97 -6.34 -15.07 15.28
CA GLU D 97 -5.15 -14.25 15.64
C GLU D 97 -3.94 -15.10 15.84
N ILE D 98 -4.08 -16.36 16.19
CA ILE D 98 -2.94 -17.28 16.34
C ILE D 98 -2.56 -17.94 15.04
N TYR D 99 -3.52 -18.45 14.26
CA TYR D 99 -3.23 -19.02 12.96
C TYR D 99 -3.21 -17.89 11.91
N THR D 100 -2.01 -17.34 11.68
CA THR D 100 -1.83 -16.27 10.74
C THR D 100 -0.58 -16.52 9.88
N GLU D 101 -0.55 -15.94 8.68
CA GLU D 101 0.60 -16.08 7.80
C GLU D 101 1.87 -15.61 8.53
N ASP D 102 1.78 -14.47 9.18
CA ASP D 102 2.94 -13.91 9.90
C ASP D 102 3.47 -14.79 10.97
N ASN D 103 2.59 -15.44 11.75
CA ASN D 103 3.00 -16.43 12.73
C ASN D 103 3.58 -17.67 12.14
N PHE D 104 3.21 -18.13 10.95
CA PHE D 104 3.88 -19.19 10.25
C PHE D 104 5.29 -18.81 9.79
N VAL D 105 5.44 -17.63 9.26
CA VAL D 105 6.81 -17.18 8.82
C VAL D 105 7.78 -17.34 9.98
N ASN D 106 7.40 -16.86 11.14
CA ASN D 106 8.18 -16.95 12.35
C ASN D 106 8.49 -18.36 12.76
N PHE D 107 7.56 -19.30 12.61
CA PHE D 107 7.83 -20.70 12.94
C PHE D 107 8.76 -21.33 11.93
N PHE D 108 8.60 -21.01 10.65
CA PHE D 108 9.41 -21.65 9.62
C PHE D 108 10.83 -20.98 9.59
N LYS D 109 10.90 -19.78 10.13
CA LYS D 109 12.13 -18.98 10.04
C LYS D 109 12.55 -18.78 8.60
N VAL D 110 11.61 -18.30 7.78
CA VAL D 110 11.86 -17.94 6.41
C VAL D 110 11.78 -16.42 6.26
N ILE D 111 12.19 -15.93 5.11
CA ILE D 111 11.98 -14.52 4.80
C ILE D 111 10.72 -14.46 3.92
N ASN D 112 9.95 -13.41 4.11
CA ASN D 112 8.58 -13.37 3.50
C ASN D 112 8.16 -11.92 3.36
N ARG D 113 7.22 -11.62 2.50
CA ARG D 113 6.63 -10.27 2.49
C ARG D 113 6.10 -9.94 3.87
N LYS D 114 6.02 -8.63 4.17
CA LYS D 114 5.56 -8.17 5.46
C LYS D 114 4.11 -7.73 5.46
N THR D 115 3.47 -7.85 4.31
CA THR D 115 2.04 -7.49 4.18
C THR D 115 1.43 -8.43 3.14
N TYR D 116 0.13 -8.63 3.18
CA TYR D 116 -0.54 -9.48 2.20
C TYR D 116 -0.57 -8.86 0.82
N LEU D 117 -0.48 -7.51 0.79
CA LEU D 117 -0.47 -6.81 -0.49
C LEU D 117 0.81 -7.14 -1.24
N ASN D 118 0.69 -7.50 -2.51
CA ASN D 118 1.81 -7.94 -3.34
C ASN D 118 1.64 -7.40 -4.76
N PHE D 119 2.59 -6.61 -5.23
CA PHE D 119 2.53 -6.02 -6.55
C PHE D 119 3.67 -6.52 -7.42
N ASP D 120 4.35 -7.57 -6.98
CA ASP D 120 5.44 -8.16 -7.72
C ASP D 120 5.00 -8.80 -9.02
N LYS D 121 5.93 -8.83 -9.98
CA LYS D 121 5.66 -9.49 -11.25
C LYS D 121 6.52 -10.71 -11.47
N ALA D 122 7.52 -10.93 -10.65
CA ALA D 122 8.43 -12.05 -10.79
C ALA D 122 7.78 -13.35 -10.26
N VAL D 123 7.63 -14.33 -11.15
CA VAL D 123 7.12 -15.64 -10.72
C VAL D 123 8.07 -16.72 -11.19
N PHE D 124 8.37 -17.72 -10.38
CA PHE D 124 9.34 -18.75 -10.73
C PHE D 124 8.78 -20.16 -10.71
N ARG D 125 9.25 -20.99 -11.64
CA ARG D 125 9.06 -22.42 -11.61
C ARG D 125 10.04 -23.05 -10.63
N ILE D 126 9.55 -23.94 -9.76
CA ILE D 126 10.35 -24.53 -8.71
C ILE D 126 10.15 -26.06 -8.72
N ASN D 127 10.99 -26.77 -8.01
CA ASN D 127 10.97 -28.25 -7.99
C ASN D 127 11.31 -28.68 -6.57
N ILE D 128 10.28 -28.85 -5.71
CA ILE D 128 10.54 -29.11 -4.31
C ILE D 128 10.60 -30.56 -3.93
N VAL D 129 10.25 -31.48 -4.81
CA VAL D 129 10.18 -32.90 -4.41
C VAL D 129 11.54 -33.42 -4.00
N PRO D 130 12.55 -33.15 -4.80
CA PRO D 130 13.91 -33.55 -4.49
C PRO D 130 14.39 -32.91 -3.23
N ASP D 131 14.83 -33.75 -2.26
CA ASP D 131 15.36 -33.29 -1.01
C ASP D 131 16.66 -32.49 -1.17
N GLU D 132 17.26 -32.54 -2.35
CA GLU D 132 18.45 -31.75 -2.64
C GLU D 132 18.07 -30.29 -2.92
N ASN D 133 16.79 -30.06 -3.14
CA ASN D 133 16.23 -28.78 -3.44
C ASN D 133 15.46 -28.15 -2.27
N TYR D 134 14.68 -28.97 -1.59
CA TYR D 134 13.73 -28.45 -0.57
C TYR D 134 13.39 -29.51 0.42
N THR D 135 13.52 -29.24 1.72
CA THR D 135 13.27 -30.22 2.74
C THR D 135 12.07 -29.88 3.61
N ILE D 136 11.50 -30.89 4.27
CA ILE D 136 10.43 -30.66 5.24
C ILE D 136 10.90 -29.80 6.38
N LYS D 137 12.12 -30.10 6.89
CA LYS D 137 12.70 -29.36 7.99
C LYS D 137 13.09 -27.94 7.63
N ASP D 138 13.74 -27.75 6.49
CA ASP D 138 14.37 -26.45 6.21
C ASP D 138 13.87 -25.71 5.02
N GLY D 139 12.97 -26.25 4.22
CA GLY D 139 12.51 -25.51 3.02
C GLY D 139 13.68 -25.45 2.04
N PHE D 140 13.88 -24.28 1.46
CA PHE D 140 14.97 -24.08 0.51
C PHE D 140 16.30 -23.80 1.24
N ASN D 141 16.23 -23.43 2.50
CA ASN D 141 17.45 -23.00 3.23
C ASN D 141 18.14 -24.20 3.85
N LEU D 142 18.61 -25.14 3.02
CA LEU D 142 19.18 -26.37 3.54
C LEU D 142 20.57 -26.08 4.18
N LYS D 143 20.94 -26.97 5.07
CA LYS D 143 22.20 -26.86 5.78
C LYS D 143 23.38 -27.23 4.89
N ALA D 145 25.81 -26.86 1.65
CA ALA D 145 26.29 -25.53 1.25
C ALA D 145 25.59 -24.45 2.06
N ASN D 146 26.07 -23.21 1.98
CA ASN D 146 25.55 -22.13 2.78
C ASN D 146 24.22 -21.58 2.31
N LEU D 147 23.20 -22.43 2.23
CA LEU D 147 21.85 -22.02 1.88
C LEU D 147 21.05 -21.70 3.14
N SER D 148 21.62 -22.00 4.30
CA SER D 148 21.00 -21.73 5.57
C SER D 148 21.38 -20.40 6.18
N THR D 149 22.20 -19.58 5.52
CA THR D 149 22.53 -18.27 6.09
C THR D 149 21.95 -17.15 5.25
N ASN D 150 21.41 -16.13 5.90
CA ASN D 150 20.76 -15.01 5.23
C ASN D 150 19.69 -15.42 4.25
N PHE D 151 19.00 -16.52 4.48
CA PHE D 151 17.96 -17.02 3.59
C PHE D 151 18.45 -17.21 2.17
N ASN D 152 19.71 -17.60 1.98
CA ASN D 152 20.28 -17.78 0.67
C ASN D 152 19.54 -18.82 -0.15
N GLY D 153 18.97 -19.81 0.52
CA GLY D 153 18.12 -20.80 -0.16
C GLY D 153 16.95 -20.14 -0.87
N GLN D 154 16.37 -19.08 -0.31
CA GLN D 154 15.29 -18.35 -0.96
C GLN D 154 15.75 -17.25 -1.89
N ASN D 155 17.06 -17.02 -1.97
CA ASN D 155 17.58 -15.97 -2.88
C ASN D 155 17.62 -16.51 -4.29
N THR D 156 16.87 -15.94 -5.22
CA THR D 156 16.76 -16.45 -6.57
C THR D 156 18.01 -16.27 -7.40
N GLU D 157 18.94 -15.41 -6.97
CA GLU D 157 20.22 -15.27 -7.71
C GLU D 157 21.19 -16.36 -7.25
N ILE D 158 21.45 -16.33 -5.94
CA ILE D 158 22.36 -17.27 -5.30
C ILE D 158 21.96 -18.70 -5.47
N ASN D 159 20.65 -18.98 -5.23
CA ASN D 159 20.16 -20.36 -5.46
C ASN D 159 19.36 -20.40 -6.75
N SER D 160 19.94 -19.80 -7.82
CA SER D 160 19.31 -19.67 -9.10
C SER D 160 18.94 -20.97 -9.76
N ARG D 161 19.65 -22.07 -9.50
CA ARG D 161 19.30 -23.34 -10.10
C ARG D 161 17.85 -23.74 -9.71
N ASN D 162 17.42 -23.32 -8.53
CA ASN D 162 16.10 -23.70 -8.02
C ASN D 162 14.96 -22.85 -8.46
N PHE D 163 15.21 -21.71 -9.13
CA PHE D 163 14.16 -20.80 -9.55
C PHE D 163 14.29 -20.38 -11.00
N THR D 164 13.40 -20.84 -11.86
CA THR D 164 13.41 -20.45 -13.26
C THR D 164 12.32 -19.44 -13.55
N ARG D 165 12.72 -18.20 -13.85
CA ARG D 165 11.75 -17.14 -14.05
C ARG D 165 10.81 -17.46 -15.21
N LEU D 166 9.52 -17.20 -15.02
CA LEU D 166 8.53 -17.45 -16.09
C LEU D 166 8.59 -16.30 -17.12
#